data_4X5X
#
_entry.id   4X5X
#
_cell.length_a   57.821
_cell.length_b   86.467
_cell.length_c   94.110
_cell.angle_alpha   90.000
_cell.angle_beta   103.960
_cell.angle_gamma   90.000
#
_symmetry.space_group_name_H-M   'P 1 21 1'
#
loop_
_entity.id
_entity.type
_entity.pdbx_description
1 polymer 'HLA class II histocompatibility antigen, DR alpha chain'
2 polymer 'HLA class II histocompatibility antigen, DRB1-1 beta chain'
#
loop_
_entity_poly.entity_id
_entity_poly.type
_entity_poly.pdbx_seq_one_letter_code
_entity_poly.pdbx_strand_id
1 'polypeptide(L)'
;MIKEEHVIIQAEFYLNPDQSGEFMFDFDGDEIFHVDMAKKETVWRLEEFGRFASFEAQGALANIAVDKANLEIMTKRSNY
TPITNVPPEVTVLTNSPVELREPNVLICFIDKFTPPVVNVTWLRNGKPVTTGVSETVFLPREDHLFRKFHYLPFLPSTED
VYDCRVEHWGLDEPLLKHWEFDAPSPLPETTEN
;
A,C
2 'polypeptide(L)'
;MKWRMATPLLMQALPMGGGGSGGGGSGGGGSGDTRPRFLWQLKFECHFFNGTERVRLLERCIYNQEESVRFDSDVGEYRA
VTELGRPDAEYWNSQKDLLEQRRAAVDTYCRHAYGVGESFTVQRRVEPKVTVYPSKTQPLQHHNLLVCSVSGFYPGSIEV
RWFRNGQEEKAGVVSTGLIQNGDWTFQTLVMLETVPRSGEVYTCQVEHPSVTSPLTVEWRARSESAQSK
;
B,D
#
# COMPACT_ATOMS: atom_id res chain seq x y z
N LYS A 3 17.29 12.76 -1.41
CA LYS A 3 16.67 11.45 -1.59
C LYS A 3 17.65 10.42 -2.12
N GLU A 4 17.81 9.33 -1.38
CA GLU A 4 18.69 8.23 -1.81
C GLU A 4 18.06 7.51 -2.99
N GLU A 5 18.90 7.00 -3.89
CA GLU A 5 18.40 6.31 -5.07
C GLU A 5 19.01 4.94 -5.24
N HIS A 6 20.33 4.85 -5.13
CA HIS A 6 21.05 3.59 -5.33
C HIS A 6 22.13 3.37 -4.28
N VAL A 7 22.44 2.10 -4.01
CA VAL A 7 23.48 1.74 -3.04
C VAL A 7 24.35 0.62 -3.59
N ILE A 8 25.66 0.86 -3.63
CA ILE A 8 26.61 -0.17 -4.02
C ILE A 8 27.43 -0.62 -2.82
N ILE A 9 27.35 -1.90 -2.50
CA ILE A 9 27.99 -2.42 -1.30
C ILE A 9 29.03 -3.50 -1.60
N GLN A 10 30.27 -3.25 -1.19
CA GLN A 10 31.33 -4.24 -1.27
C GLN A 10 31.36 -5.06 0.02
N ALA A 11 30.98 -6.33 -0.07
CA ALA A 11 30.84 -7.15 1.13
C ALA A 11 31.85 -8.28 1.19
N GLU A 12 32.68 -8.26 2.23
CA GLU A 12 33.63 -9.34 2.46
C GLU A 12 33.39 -9.95 3.83
N PHE A 13 33.88 -11.18 4.02
CA PHE A 13 33.83 -11.81 5.34
C PHE A 13 34.84 -12.94 5.47
N TYR A 14 35.20 -13.25 6.71
CA TYR A 14 35.99 -14.43 7.03
C TYR A 14 35.41 -15.14 8.25
N LEU A 15 35.51 -16.47 8.26
CA LEU A 15 34.91 -17.25 9.34
C LEU A 15 35.82 -18.34 9.87
N ASN A 16 36.06 -18.31 11.18
CA ASN A 16 36.80 -19.36 11.88
C ASN A 16 35.85 -20.23 12.70
N PRO A 17 36.17 -21.52 12.87
CA PRO A 17 37.36 -22.21 12.37
C PRO A 17 37.20 -22.76 10.95
N ASP A 18 36.09 -22.44 10.30
CA ASP A 18 35.77 -22.97 8.98
C ASP A 18 36.80 -22.58 7.92
N GLN A 19 37.47 -21.45 8.14
CA GLN A 19 38.40 -20.87 7.17
C GLN A 19 37.70 -20.68 5.82
N SER A 20 36.54 -20.03 5.84
CA SER A 20 35.81 -19.70 4.63
C SER A 20 35.67 -18.18 4.49
N GLY A 21 35.71 -17.69 3.26
CA GLY A 21 35.63 -16.27 3.00
C GLY A 21 35.16 -15.96 1.58
N GLU A 22 34.48 -14.83 1.43
CA GLU A 22 33.95 -14.42 0.13
C GLU A 22 34.15 -12.93 -0.13
N PHE A 23 34.00 -12.55 -1.40
CA PHE A 23 34.18 -11.17 -1.83
C PHE A 23 33.18 -10.89 -2.96
N MET A 24 32.30 -9.92 -2.74
CA MET A 24 31.29 -9.59 -3.76
C MET A 24 30.84 -8.13 -3.70
N PHE A 25 30.24 -7.67 -4.80
CA PHE A 25 29.64 -6.35 -4.86
C PHE A 25 28.13 -6.45 -5.00
N ASP A 26 27.41 -5.60 -4.28
CA ASP A 26 25.95 -5.65 -4.26
C ASP A 26 25.34 -4.36 -4.78
N PHE A 27 24.42 -4.48 -5.73
CA PHE A 27 23.68 -3.33 -6.24
C PHE A 27 22.19 -3.51 -5.98
N ASP A 28 21.68 -2.74 -5.02
CA ASP A 28 20.25 -2.75 -4.65
C ASP A 28 19.71 -4.15 -4.39
N GLY A 29 20.53 -5.01 -3.79
CA GLY A 29 20.09 -6.35 -3.42
C GLY A 29 20.50 -7.43 -4.40
N ASP A 30 21.01 -7.02 -5.55
CA ASP A 30 21.46 -7.98 -6.56
C ASP A 30 22.97 -8.07 -6.61
N GLU A 31 23.47 -9.29 -6.75
CA GLU A 31 24.91 -9.52 -6.88
C GLU A 31 25.42 -9.06 -8.23
N ILE A 32 26.41 -8.17 -8.20
CA ILE A 32 27.08 -7.73 -9.44
C ILE A 32 28.07 -8.80 -9.88
N PHE A 33 28.95 -9.19 -8.97
CA PHE A 33 29.90 -10.26 -9.23
C PHE A 33 30.54 -10.74 -7.92
N HIS A 34 31.22 -11.87 -7.99
CA HIS A 34 32.03 -12.35 -6.87
C HIS A 34 33.35 -12.89 -7.38
N VAL A 35 34.28 -13.13 -6.46
CA VAL A 35 35.60 -13.64 -6.83
C VAL A 35 35.75 -15.11 -6.44
N ASP A 36 36.05 -15.95 -7.42
CA ASP A 36 36.31 -17.36 -7.17
C ASP A 36 37.72 -17.47 -6.57
N MET A 37 37.77 -17.72 -5.27
CA MET A 37 39.04 -17.69 -4.53
C MET A 37 40.00 -18.79 -4.96
N ALA A 38 39.45 -19.95 -5.30
CA ALA A 38 40.28 -21.11 -5.60
C ALA A 38 40.93 -20.99 -6.98
N LYS A 39 40.17 -20.47 -7.95
CA LYS A 39 40.68 -20.29 -9.29
C LYS A 39 41.21 -18.88 -9.52
N LYS A 40 40.97 -18.01 -8.53
CA LYS A 40 41.38 -16.61 -8.59
C LYS A 40 40.89 -15.89 -9.85
N GLU A 41 39.59 -15.99 -10.11
CA GLU A 41 38.99 -15.35 -11.28
C GLU A 41 37.74 -14.58 -10.90
N THR A 42 37.49 -13.47 -11.58
CA THR A 42 36.28 -12.68 -11.38
C THR A 42 35.08 -13.35 -12.05
N VAL A 43 34.03 -13.58 -11.28
CA VAL A 43 32.82 -14.23 -11.78
C VAL A 43 31.63 -13.29 -11.77
N TRP A 44 31.28 -12.76 -12.94
CA TRP A 44 30.15 -11.85 -13.07
C TRP A 44 28.83 -12.64 -13.01
N ARG A 45 27.85 -12.09 -12.32
CA ARG A 45 26.56 -12.75 -12.13
C ARG A 45 25.91 -13.01 -13.48
N LEU A 46 25.94 -11.99 -14.33
CA LEU A 46 25.54 -12.14 -15.73
C LEU A 46 26.77 -11.94 -16.60
N GLU A 47 27.06 -12.91 -17.46
CA GLU A 47 28.30 -12.90 -18.25
C GLU A 47 28.40 -11.66 -19.13
N GLU A 48 27.24 -11.07 -19.43
CA GLU A 48 27.19 -9.83 -20.21
C GLU A 48 27.90 -8.68 -19.49
N PHE A 49 27.95 -8.74 -18.17
CA PHE A 49 28.59 -7.71 -17.37
C PHE A 49 30.09 -7.59 -17.68
N GLY A 50 30.69 -8.69 -18.09
CA GLY A 50 32.13 -8.74 -18.32
C GLY A 50 32.55 -8.02 -19.59
N ARG A 51 31.59 -7.73 -20.45
CA ARG A 51 31.84 -6.94 -21.65
C ARG A 51 32.09 -5.47 -21.31
N PHE A 52 31.39 -4.98 -20.30
CA PHE A 52 31.43 -3.56 -19.95
C PHE A 52 32.47 -3.22 -18.88
N ALA A 53 32.93 -4.23 -18.13
CA ALA A 53 33.82 -3.97 -17.01
C ALA A 53 34.75 -5.14 -16.72
N SER A 54 35.81 -4.87 -15.97
CA SER A 54 36.77 -5.88 -15.57
C SER A 54 37.19 -5.65 -14.12
N PHE A 55 37.70 -6.70 -13.48
CA PHE A 55 38.15 -6.59 -12.09
C PHE A 55 39.36 -7.49 -11.83
N GLU A 56 40.37 -6.95 -11.17
CA GLU A 56 41.54 -7.74 -10.78
C GLU A 56 41.17 -8.63 -9.60
N ALA A 57 40.97 -9.93 -9.89
CA ALA A 57 40.52 -10.89 -8.90
C ALA A 57 41.47 -11.06 -7.72
N GLN A 58 42.75 -10.78 -7.95
CA GLN A 58 43.77 -10.93 -6.93
C GLN A 58 43.52 -10.03 -5.71
N GLY A 59 42.99 -8.84 -5.95
CA GLY A 59 42.74 -7.88 -4.89
C GLY A 59 41.83 -8.41 -3.78
N ALA A 60 40.92 -9.31 -4.16
CA ALA A 60 39.99 -9.89 -3.19
C ALA A 60 40.71 -10.79 -2.18
N LEU A 61 41.67 -11.57 -2.66
CA LEU A 61 42.40 -12.50 -1.81
C LEU A 61 43.24 -11.78 -0.77
N ALA A 62 43.84 -10.66 -1.15
CA ALA A 62 44.65 -9.87 -0.24
C ALA A 62 43.77 -9.23 0.84
N ASN A 63 42.61 -8.74 0.43
CA ASN A 63 41.63 -8.18 1.35
C ASN A 63 41.17 -9.20 2.39
N ILE A 64 40.83 -10.39 1.93
CA ILE A 64 40.38 -11.47 2.80
C ILE A 64 41.48 -11.86 3.81
N ALA A 65 42.74 -11.72 3.39
CA ALA A 65 43.86 -12.05 4.28
C ALA A 65 43.98 -11.01 5.38
N VAL A 66 43.65 -9.77 5.04
CA VAL A 66 43.60 -8.69 6.02
C VAL A 66 42.41 -8.91 6.95
N ASP A 67 41.38 -9.56 6.41
CA ASP A 67 40.15 -9.79 7.16
C ASP A 67 40.35 -10.89 8.20
N LYS A 68 41.03 -11.96 7.81
CA LYS A 68 41.40 -13.01 8.74
C LYS A 68 42.31 -12.46 9.84
N ALA A 69 43.25 -11.63 9.43
CA ALA A 69 44.21 -11.02 10.36
C ALA A 69 43.49 -10.24 11.45
N ASN A 70 42.50 -9.45 11.06
CA ASN A 70 41.75 -8.64 11.99
C ASN A 70 40.76 -9.47 12.79
N LEU A 71 40.38 -10.62 12.24
CA LEU A 71 39.47 -11.53 12.93
C LEU A 71 40.17 -12.22 14.10
N GLU A 72 41.44 -12.57 13.92
CA GLU A 72 42.21 -13.20 14.98
C GLU A 72 42.35 -12.26 16.17
N ILE A 73 42.55 -10.98 15.88
CA ILE A 73 42.68 -9.97 16.92
C ILE A 73 41.34 -9.75 17.62
N MET A 74 40.27 -9.63 16.83
CA MET A 74 38.94 -9.41 17.37
C MET A 74 38.47 -10.58 18.22
N THR A 75 38.79 -11.79 17.77
CA THR A 75 38.45 -12.99 18.53
C THR A 75 39.09 -12.98 19.91
N LYS A 76 40.39 -12.66 19.96
CA LYS A 76 41.12 -12.64 21.22
C LYS A 76 40.71 -11.45 22.08
N ARG A 77 40.43 -10.32 21.45
CA ARG A 77 40.03 -9.12 22.17
C ARG A 77 38.67 -9.31 22.85
N SER A 78 37.79 -10.02 22.18
CA SER A 78 36.45 -10.29 22.70
C SER A 78 36.45 -11.47 23.67
N ASN A 79 37.65 -11.91 24.05
CA ASN A 79 37.84 -13.08 24.92
C ASN A 79 37.16 -14.31 24.34
N TYR A 80 37.33 -14.50 23.03
CA TYR A 80 36.83 -15.68 22.33
C TYR A 80 35.32 -15.82 22.46
N THR A 81 34.60 -14.72 22.29
CA THR A 81 33.14 -14.74 22.26
C THR A 81 32.66 -15.18 20.88
N PRO A 82 31.92 -16.29 20.83
CA PRO A 82 31.46 -16.86 19.57
C PRO A 82 30.21 -16.17 19.04
N ILE A 83 29.94 -16.34 17.76
CA ILE A 83 28.76 -15.73 17.13
C ILE A 83 27.50 -16.42 17.62
N THR A 84 26.43 -15.65 17.79
CA THR A 84 25.13 -16.20 18.11
C THR A 84 24.46 -16.69 16.84
N ASN A 85 24.10 -17.97 16.79
CA ASN A 85 23.45 -18.53 15.62
C ASN A 85 22.07 -17.93 15.40
N VAL A 86 21.77 -17.63 14.14
CA VAL A 86 20.45 -17.16 13.76
C VAL A 86 19.91 -18.08 12.67
N PRO A 87 18.80 -18.78 12.95
CA PRO A 87 18.25 -19.76 12.02
C PRO A 87 17.66 -19.09 10.79
N PRO A 88 17.75 -19.76 9.63
CA PRO A 88 17.30 -19.18 8.36
C PRO A 88 15.79 -19.24 8.18
N GLU A 89 15.28 -18.29 7.40
CA GLU A 89 13.89 -18.34 6.96
C GLU A 89 13.90 -18.84 5.51
N VAL A 90 13.07 -19.83 5.23
CA VAL A 90 13.14 -20.49 3.92
C VAL A 90 11.85 -20.37 3.14
N THR A 91 11.97 -20.01 1.87
CA THR A 91 10.84 -19.90 0.96
C THR A 91 11.16 -20.57 -0.36
N VAL A 92 10.20 -21.32 -0.91
CA VAL A 92 10.39 -21.93 -2.22
C VAL A 92 9.45 -21.27 -3.23
N LEU A 93 10.01 -20.88 -4.36
CA LEU A 93 9.27 -20.14 -5.37
C LEU A 93 9.72 -20.52 -6.77
N THR A 94 8.92 -20.16 -7.76
CA THR A 94 9.29 -20.36 -9.15
C THR A 94 9.62 -19.03 -9.82
N ASN A 95 10.52 -19.07 -10.80
CA ASN A 95 10.92 -17.87 -11.52
C ASN A 95 9.75 -17.27 -12.28
N SER A 96 8.92 -18.14 -12.85
CA SER A 96 7.72 -17.73 -13.54
C SER A 96 6.56 -18.62 -13.14
N PRO A 97 5.31 -18.17 -13.37
CA PRO A 97 4.15 -19.02 -13.08
C PRO A 97 4.24 -20.36 -13.81
N VAL A 98 3.96 -21.44 -13.09
CA VAL A 98 4.14 -22.77 -13.64
C VAL A 98 3.03 -23.18 -14.61
N GLU A 99 3.44 -23.66 -15.77
CA GLU A 99 2.53 -24.23 -16.76
C GLU A 99 3.11 -25.55 -17.26
N LEU A 100 2.24 -26.53 -17.47
CA LEU A 100 2.65 -27.91 -17.74
C LEU A 100 3.59 -28.05 -18.93
N ARG A 101 4.65 -28.84 -18.72
CA ARG A 101 5.61 -29.20 -19.76
C ARG A 101 6.36 -28.01 -20.38
N GLU A 102 6.24 -26.84 -19.77
CA GLU A 102 7.02 -25.68 -20.19
C GLU A 102 8.09 -25.34 -19.15
N PRO A 103 9.37 -25.37 -19.58
CA PRO A 103 10.56 -25.18 -18.74
C PRO A 103 10.46 -24.04 -17.73
N ASN A 104 10.68 -24.36 -16.46
CA ASN A 104 10.66 -23.35 -15.39
C ASN A 104 11.80 -23.61 -14.41
N VAL A 105 11.93 -22.75 -13.39
CA VAL A 105 13.03 -22.85 -12.44
C VAL A 105 12.55 -22.69 -10.99
N LEU A 106 12.92 -23.64 -10.14
CA LEU A 106 12.60 -23.57 -8.72
C LEU A 106 13.62 -22.75 -7.95
N ILE A 107 13.14 -21.82 -7.12
CA ILE A 107 14.02 -20.98 -6.32
C ILE A 107 13.88 -21.26 -4.83
N CYS A 108 14.99 -21.60 -4.19
CA CYS A 108 15.01 -21.80 -2.74
C CYS A 108 15.68 -20.61 -2.07
N PHE A 109 14.86 -19.77 -1.43
CA PHE A 109 15.36 -18.52 -0.86
C PHE A 109 15.67 -18.66 0.64
N ILE A 110 16.95 -18.51 0.98
CA ILE A 110 17.40 -18.61 2.35
C ILE A 110 17.71 -17.22 2.88
N ASP A 111 17.07 -16.85 3.99
CA ASP A 111 17.10 -15.47 4.46
C ASP A 111 17.24 -15.37 5.98
N LYS A 112 17.80 -14.24 6.44
CA LYS A 112 17.86 -13.91 7.86
C LYS A 112 18.64 -14.93 8.69
N PHE A 113 19.84 -15.27 8.23
CA PHE A 113 20.65 -16.26 8.94
C PHE A 113 22.10 -15.85 9.08
N THR A 114 22.75 -16.44 10.09
CA THR A 114 24.18 -16.25 10.34
C THR A 114 24.63 -17.35 11.31
N PRO A 115 25.88 -17.82 11.19
CA PRO A 115 26.95 -17.47 10.23
C PRO A 115 26.64 -17.96 8.81
N PRO A 116 27.39 -17.46 7.81
CA PRO A 116 27.15 -17.87 6.42
C PRO A 116 27.64 -19.28 6.11
N VAL A 117 27.00 -20.28 6.70
CA VAL A 117 27.26 -21.68 6.39
C VAL A 117 25.95 -22.47 6.32
N VAL A 118 25.65 -23.01 5.15
CA VAL A 118 24.42 -23.75 4.94
C VAL A 118 24.60 -24.89 3.95
N ASN A 119 24.11 -26.08 4.31
CA ASN A 119 24.09 -27.22 3.41
C ASN A 119 22.70 -27.42 2.81
N VAL A 120 22.58 -27.19 1.52
CA VAL A 120 21.28 -27.25 0.85
C VAL A 120 21.20 -28.42 -0.12
N THR A 121 20.13 -29.21 -0.02
CA THR A 121 19.93 -30.36 -0.89
C THR A 121 18.58 -30.27 -1.58
N TRP A 122 18.54 -30.59 -2.86
CA TRP A 122 17.30 -30.63 -3.61
C TRP A 122 16.79 -32.07 -3.76
N LEU A 123 15.56 -32.30 -3.32
CA LEU A 123 14.93 -33.61 -3.47
C LEU A 123 13.72 -33.53 -4.39
N ARG A 124 13.59 -34.53 -5.26
CA ARG A 124 12.40 -34.66 -6.10
C ARG A 124 11.90 -36.10 -5.98
N ASN A 125 10.66 -36.24 -5.51
CA ASN A 125 10.06 -37.54 -5.26
C ASN A 125 10.93 -38.40 -4.34
N GLY A 126 11.62 -37.75 -3.40
CA GLY A 126 12.48 -38.47 -2.48
C GLY A 126 13.90 -38.61 -3.02
N LYS A 127 14.07 -38.33 -4.30
CA LYS A 127 15.35 -38.50 -4.99
C LYS A 127 16.22 -37.24 -4.95
N PRO A 128 17.46 -37.39 -4.47
CA PRO A 128 18.47 -36.33 -4.52
C PRO A 128 18.79 -35.96 -5.97
N VAL A 129 18.85 -34.67 -6.29
CA VAL A 129 19.18 -34.25 -7.65
C VAL A 129 20.34 -33.26 -7.68
N THR A 130 21.11 -33.32 -8.75
CA THR A 130 22.29 -32.48 -8.91
C THR A 130 22.25 -31.80 -10.28
N THR A 131 21.35 -32.27 -11.12
CA THR A 131 21.24 -31.80 -12.50
C THR A 131 20.91 -30.32 -12.63
N GLY A 132 21.85 -29.56 -13.17
CA GLY A 132 21.61 -28.16 -13.51
C GLY A 132 21.48 -27.20 -12.34
N VAL A 133 21.81 -27.67 -11.13
CA VAL A 133 21.68 -26.84 -9.95
C VAL A 133 22.73 -25.73 -9.94
N SER A 134 22.36 -24.59 -9.33
CA SER A 134 23.27 -23.47 -9.18
C SER A 134 22.92 -22.69 -7.92
N GLU A 135 23.82 -21.80 -7.50
CA GLU A 135 23.60 -21.01 -6.31
C GLU A 135 24.40 -19.71 -6.33
N THR A 136 23.91 -18.71 -5.62
CA THR A 136 24.62 -17.45 -5.48
C THR A 136 25.54 -17.50 -4.28
N VAL A 137 26.40 -16.50 -4.14
CA VAL A 137 27.21 -16.37 -2.94
C VAL A 137 26.35 -15.86 -1.80
N PHE A 138 26.96 -15.68 -0.63
CA PHE A 138 26.22 -15.18 0.51
C PHE A 138 26.01 -13.68 0.39
N LEU A 139 24.76 -13.29 0.13
CA LEU A 139 24.42 -11.90 -0.13
C LEU A 139 24.32 -11.14 1.19
N PRO A 140 24.71 -9.86 1.17
CA PRO A 140 24.70 -9.05 2.39
C PRO A 140 23.32 -8.56 2.78
N ARG A 141 23.16 -8.20 4.06
CA ARG A 141 21.94 -7.59 4.55
C ARG A 141 22.32 -6.41 5.44
N GLU A 142 21.39 -5.46 5.61
CA GLU A 142 21.69 -4.27 6.40
C GLU A 142 21.78 -4.63 7.89
N ASP A 143 21.06 -5.67 8.30
CA ASP A 143 21.13 -6.16 9.67
C ASP A 143 22.28 -7.15 9.83
N HIS A 144 23.12 -7.24 8.80
CA HIS A 144 24.35 -8.02 8.81
C HIS A 144 24.09 -9.53 8.87
N LEU A 145 22.83 -9.91 8.64
CA LEU A 145 22.50 -11.30 8.37
C LEU A 145 22.81 -11.61 6.91
N PHE A 146 22.45 -12.81 6.46
CA PHE A 146 22.79 -13.20 5.09
C PHE A 146 21.60 -13.66 4.26
N ARG A 147 21.75 -13.57 2.94
CA ARG A 147 20.80 -14.12 1.99
C ARG A 147 21.51 -15.10 1.06
N LYS A 148 20.75 -16.04 0.51
CA LYS A 148 21.31 -16.96 -0.48
C LYS A 148 20.20 -17.54 -1.35
N PHE A 149 20.48 -17.68 -2.64
CA PHE A 149 19.53 -18.23 -3.59
C PHE A 149 20.00 -19.57 -4.15
N HIS A 150 19.09 -20.53 -4.21
CA HIS A 150 19.39 -21.82 -4.82
C HIS A 150 18.41 -22.07 -5.95
N TYR A 151 18.90 -22.63 -7.06
CA TYR A 151 18.09 -22.76 -8.25
C TYR A 151 18.05 -24.18 -8.79
N LEU A 152 16.88 -24.59 -9.26
CA LEU A 152 16.69 -25.91 -9.86
C LEU A 152 15.80 -25.81 -11.08
N PRO A 153 16.40 -25.88 -12.27
CA PRO A 153 15.61 -25.94 -13.51
C PRO A 153 14.80 -27.23 -13.53
N PHE A 154 13.54 -27.15 -13.97
CA PHE A 154 12.68 -28.32 -13.92
C PHE A 154 11.54 -28.26 -14.94
N LEU A 155 11.01 -29.43 -15.27
CA LEU A 155 9.90 -29.55 -16.20
C LEU A 155 8.62 -29.85 -15.43
N PRO A 156 7.72 -28.86 -15.33
CA PRO A 156 6.49 -28.96 -14.55
C PRO A 156 5.66 -30.19 -14.90
N SER A 157 5.33 -30.98 -13.89
CA SER A 157 4.57 -32.20 -14.09
C SER A 157 3.57 -32.43 -12.96
N THR A 158 2.47 -33.10 -13.28
CA THR A 158 1.42 -33.37 -12.29
C THR A 158 1.80 -34.51 -11.37
N GLU A 159 2.81 -35.28 -11.77
CA GLU A 159 3.20 -36.48 -11.04
C GLU A 159 4.34 -36.24 -10.05
N ASP A 160 5.12 -35.19 -10.27
CA ASP A 160 6.35 -35.00 -9.50
C ASP A 160 6.15 -34.05 -8.32
N VAL A 161 6.93 -34.29 -7.26
CA VAL A 161 6.85 -33.48 -6.06
C VAL A 161 8.27 -33.12 -5.59
N TYR A 162 8.45 -31.87 -5.16
CA TYR A 162 9.79 -31.39 -4.79
C TYR A 162 9.94 -30.98 -3.32
N ASP A 163 11.16 -31.08 -2.82
CA ASP A 163 11.51 -30.65 -1.47
C ASP A 163 12.84 -29.90 -1.45
N CYS A 164 12.86 -28.77 -0.74
CA CYS A 164 14.10 -28.05 -0.48
C CYS A 164 14.49 -28.22 0.97
N ARG A 165 15.63 -28.86 1.21
CA ARG A 165 16.08 -29.13 2.57
C ARG A 165 17.32 -28.33 2.91
N VAL A 166 17.24 -27.57 4.00
CA VAL A 166 18.31 -26.67 4.41
C VAL A 166 18.80 -26.98 5.81
N GLU A 167 20.11 -27.14 5.95
CA GLU A 167 20.71 -27.40 7.26
C GLU A 167 21.49 -26.19 7.76
N HIS A 168 21.31 -25.87 9.03
CA HIS A 168 22.01 -24.77 9.66
C HIS A 168 22.15 -25.02 11.16
N TRP A 169 23.26 -24.57 11.75
CA TRP A 169 23.52 -24.80 13.17
C TRP A 169 22.48 -24.11 14.05
N GLY A 170 21.87 -23.05 13.52
CA GLY A 170 20.85 -22.31 14.24
C GLY A 170 19.49 -22.96 14.18
N LEU A 171 19.39 -24.07 13.45
CA LEU A 171 18.14 -24.80 13.29
C LEU A 171 18.02 -25.94 14.28
N ASP A 172 16.83 -26.09 14.85
CA ASP A 172 16.53 -27.20 15.75
C ASP A 172 16.59 -28.52 14.96
N GLU A 173 15.91 -28.54 13.82
CA GLU A 173 15.93 -29.66 12.90
C GLU A 173 15.90 -29.08 11.49
N PRO A 174 16.53 -29.77 10.51
CA PRO A 174 16.59 -29.26 9.13
C PRO A 174 15.21 -28.86 8.61
N LEU A 175 15.17 -27.83 7.77
CA LEU A 175 13.90 -27.32 7.26
C LEU A 175 13.60 -27.85 5.86
N LEU A 176 12.48 -28.54 5.72
CA LEU A 176 12.05 -28.98 4.41
C LEU A 176 10.86 -28.13 3.98
N LYS A 177 10.95 -27.52 2.80
CA LYS A 177 9.87 -26.69 2.27
C LYS A 177 9.36 -27.31 1.00
N HIS A 178 8.04 -27.35 0.91
CA HIS A 178 7.36 -28.14 -0.09
C HIS A 178 6.82 -27.32 -1.25
N TRP A 179 6.82 -27.93 -2.43
CA TRP A 179 6.17 -27.35 -3.60
C TRP A 179 5.49 -28.42 -4.46
N GLU A 180 4.28 -28.10 -4.90
CA GLU A 180 3.51 -28.99 -5.78
C GLU A 180 2.68 -28.18 -6.76
N PHE A 181 2.33 -28.80 -7.88
CA PHE A 181 1.47 -28.14 -8.87
C PHE A 181 0.07 -27.90 -8.29
N MET B 1 38.14 0.31 -18.04
CA MET B 1 37.22 -0.77 -17.71
C MET B 1 37.30 -1.16 -16.24
N LYS B 2 38.52 -1.41 -15.77
CA LYS B 2 38.78 -1.96 -14.43
C LYS B 2 37.90 -1.41 -13.31
N TRP B 3 37.26 -2.34 -12.60
CA TRP B 3 36.46 -2.01 -11.42
C TRP B 3 37.42 -1.85 -10.24
N ARG B 4 37.13 -0.89 -9.37
CA ARG B 4 38.04 -0.59 -8.27
C ARG B 4 37.57 -1.17 -6.94
N MET B 5 38.53 -1.50 -6.10
CA MET B 5 38.27 -2.13 -4.81
C MET B 5 38.89 -1.32 -3.68
N ALA B 6 38.15 -1.18 -2.58
CA ALA B 6 38.71 -0.55 -1.38
C ALA B 6 39.38 -1.59 -0.51
N THR B 7 40.48 -1.21 0.14
CA THR B 7 41.25 -2.14 0.95
C THR B 7 41.06 -1.85 2.43
N PRO B 8 40.73 -2.88 3.21
CA PRO B 8 40.54 -2.68 4.65
C PRO B 8 41.88 -2.44 5.34
N LEU B 9 41.83 -1.93 6.57
CA LEU B 9 43.05 -1.60 7.28
C LEU B 9 43.38 -2.66 8.33
N LEU B 10 44.67 -2.92 8.50
CA LEU B 10 45.13 -3.88 9.49
C LEU B 10 44.97 -3.32 10.88
N MET B 11 44.57 -4.16 11.82
CA MET B 11 44.46 -3.73 13.20
C MET B 11 45.84 -3.86 13.82
N GLN B 12 46.10 -3.13 14.90
CA GLN B 12 47.41 -3.15 15.51
C GLN B 12 47.70 -4.51 16.13
N ALA B 13 48.80 -5.13 15.71
CA ALA B 13 49.15 -6.46 16.18
C ALA B 13 49.90 -6.36 17.50
N LEU B 14 50.12 -5.12 17.94
CA LEU B 14 50.80 -4.85 19.20
C LEU B 14 50.00 -3.84 20.01
N PRO B 15 48.97 -4.31 20.72
CA PRO B 15 48.10 -3.45 21.53
C PRO B 15 48.86 -2.70 22.62
N MET B 16 50.00 -3.23 23.05
CA MET B 16 50.75 -2.65 24.15
C MET B 16 52.24 -2.57 23.83
N GLY B 17 52.58 -2.32 22.57
CA GLY B 17 53.97 -2.28 22.18
C GLY B 17 54.60 -3.66 22.23
N GLY B 18 55.92 -3.70 22.30
CA GLY B 18 56.62 -4.97 22.38
C GLY B 18 56.48 -5.60 23.76
N GLY B 19 55.39 -6.34 23.96
CA GLY B 19 55.11 -6.95 25.24
C GLY B 19 53.71 -6.62 25.75
N ASP B 33 29.64 -30.69 13.50
CA ASP B 33 30.63 -29.72 13.97
C ASP B 33 29.94 -28.60 14.74
N THR B 34 29.98 -28.71 16.07
CA THR B 34 29.30 -27.76 16.95
C THR B 34 30.26 -26.73 17.53
N ARG B 35 31.50 -26.75 17.05
CA ARG B 35 32.54 -25.84 17.53
C ARG B 35 32.11 -24.38 17.38
N PRO B 36 32.50 -23.52 18.32
CA PRO B 36 32.10 -22.11 18.27
C PRO B 36 32.69 -21.41 17.05
N ARG B 37 31.90 -20.53 16.45
CA ARG B 37 32.30 -19.81 15.24
C ARG B 37 32.56 -18.34 15.52
N PHE B 38 33.56 -17.79 14.83
CA PHE B 38 33.90 -16.38 14.96
C PHE B 38 33.90 -15.72 13.59
N LEU B 39 33.05 -14.71 13.44
CA LEU B 39 32.79 -14.13 12.12
C LEU B 39 33.21 -12.66 12.06
N TRP B 40 33.84 -12.30 10.96
CA TRP B 40 34.26 -10.93 10.73
C TRP B 40 33.76 -10.47 9.37
N GLN B 41 32.94 -9.43 9.36
CA GLN B 41 32.38 -8.91 8.13
C GLN B 41 32.85 -7.50 7.85
N LEU B 42 33.03 -7.19 6.56
CA LEU B 42 33.49 -5.88 6.15
C LEU B 42 32.66 -5.37 4.99
N LYS B 43 32.13 -4.16 5.12
CA LYS B 43 31.27 -3.60 4.10
C LYS B 43 31.66 -2.18 3.71
N PHE B 44 31.87 -1.98 2.41
CA PHE B 44 32.03 -0.64 1.86
C PHE B 44 30.74 -0.25 1.16
N GLU B 45 29.97 0.63 1.78
CA GLU B 45 28.68 1.03 1.23
C GLU B 45 28.76 2.39 0.55
N CYS B 46 28.48 2.41 -0.75
CA CYS B 46 28.41 3.66 -1.49
C CYS B 46 26.96 4.07 -1.71
N HIS B 47 26.53 5.08 -0.99
CA HIS B 47 25.15 5.56 -1.08
C HIS B 47 25.08 6.78 -1.99
N PHE B 48 24.26 6.68 -3.03
CA PHE B 48 24.16 7.75 -4.01
C PHE B 48 22.82 8.47 -3.89
N PHE B 49 22.88 9.80 -3.76
CA PHE B 49 21.69 10.62 -3.62
C PHE B 49 21.53 11.53 -4.82
N ASN B 50 20.37 11.47 -5.47
CA ASN B 50 20.08 12.25 -6.66
C ASN B 50 21.17 12.08 -7.71
N GLY B 51 21.34 10.84 -8.18
CA GLY B 51 22.43 10.52 -9.08
C GLY B 51 23.75 10.52 -8.32
N THR B 52 24.71 11.30 -8.81
CA THR B 52 26.01 11.41 -8.14
C THR B 52 26.24 12.80 -7.55
N GLU B 53 25.16 13.56 -7.36
CA GLU B 53 25.27 14.88 -6.75
C GLU B 53 25.87 14.79 -5.35
N ARG B 54 25.28 13.96 -4.51
CA ARG B 54 25.82 13.69 -3.18
C ARG B 54 26.10 12.20 -3.01
N VAL B 55 27.34 11.89 -2.67
CA VAL B 55 27.74 10.50 -2.52
C VAL B 55 28.31 10.26 -1.12
N ARG B 56 27.79 9.25 -0.44
CA ARG B 56 28.22 8.94 0.92
C ARG B 56 28.88 7.57 0.98
N LEU B 57 30.00 7.50 1.67
CA LEU B 57 30.73 6.24 1.84
C LEU B 57 30.73 5.80 3.30
N LEU B 58 30.30 4.57 3.54
CA LEU B 58 30.37 3.97 4.87
C LEU B 58 31.22 2.71 4.87
N GLU B 59 32.31 2.73 5.62
CA GLU B 59 33.09 1.53 5.85
C GLU B 59 32.65 0.94 7.19
N ARG B 60 32.14 -0.28 7.16
CA ARG B 60 31.56 -0.89 8.35
C ARG B 60 32.32 -2.16 8.73
N CYS B 61 32.74 -2.22 9.99
CA CYS B 61 33.48 -3.37 10.49
C CYS B 61 32.61 -4.12 11.50
N ILE B 62 32.41 -5.40 11.25
CA ILE B 62 31.40 -6.18 11.96
C ILE B 62 31.96 -7.48 12.53
N TYR B 63 31.82 -7.67 13.82
CA TYR B 63 32.26 -8.90 14.48
C TYR B 63 31.08 -9.64 15.09
N ASN B 64 30.87 -10.87 14.62
CA ASN B 64 29.73 -11.69 15.05
C ASN B 64 28.40 -10.96 14.87
N GLN B 65 28.18 -10.47 13.64
CA GLN B 65 26.93 -9.82 13.23
C GLN B 65 26.72 -8.46 13.90
N GLU B 66 27.67 -8.05 14.74
CA GLU B 66 27.53 -6.79 15.45
C GLU B 66 28.65 -5.81 15.11
N GLU B 67 28.29 -4.71 14.48
CA GLU B 67 29.22 -3.68 14.04
C GLU B 67 29.99 -3.05 15.20
N SER B 68 31.31 -2.96 15.06
CA SER B 68 32.17 -2.48 16.16
C SER B 68 32.74 -1.09 15.90
N VAL B 69 33.06 -0.79 14.64
CA VAL B 69 33.65 0.49 14.29
C VAL B 69 33.32 0.84 12.84
N ARG B 70 33.12 2.13 12.57
CA ARG B 70 32.67 2.58 11.26
C ARG B 70 33.37 3.87 10.83
N PHE B 71 33.61 3.99 9.52
CA PHE B 71 34.03 5.27 8.95
C PHE B 71 32.87 5.87 8.14
N ASP B 72 32.53 7.10 8.47
CA ASP B 72 31.47 7.81 7.78
C ASP B 72 32.04 9.06 7.11
N SER B 73 31.82 9.18 5.81
CA SER B 73 32.32 10.32 5.05
C SER B 73 31.71 11.62 5.56
N ASP B 74 30.52 11.52 6.13
CA ASP B 74 29.86 12.65 6.77
C ASP B 74 30.62 13.07 8.03
N VAL B 75 31.25 12.11 8.68
CA VAL B 75 32.01 12.37 9.90
C VAL B 75 33.45 12.71 9.56
N GLY B 76 34.01 11.99 8.59
CA GLY B 76 35.36 12.26 8.10
C GLY B 76 36.45 11.55 8.86
N GLU B 77 36.07 10.72 9.83
CA GLU B 77 37.02 9.91 10.57
C GLU B 77 36.35 8.68 11.15
N TYR B 78 37.16 7.77 11.71
CA TYR B 78 36.63 6.54 12.27
C TYR B 78 35.94 6.79 13.61
N ARG B 79 34.85 6.06 13.83
CA ARG B 79 34.09 6.14 15.07
C ARG B 79 33.78 4.74 15.59
N ALA B 80 34.04 4.50 16.88
CA ALA B 80 33.73 3.22 17.49
C ALA B 80 32.22 3.07 17.62
N VAL B 81 31.71 1.89 17.30
CA VAL B 81 30.28 1.62 17.42
C VAL B 81 29.99 0.90 18.73
N THR B 82 30.87 -0.03 19.08
CA THR B 82 30.80 -0.72 20.35
C THR B 82 32.13 -0.58 21.10
N GLU B 83 32.15 -1.03 22.35
CA GLU B 83 33.35 -0.96 23.18
C GLU B 83 34.52 -1.71 22.55
N LEU B 84 34.20 -2.75 21.79
CA LEU B 84 35.19 -3.54 21.09
C LEU B 84 35.92 -2.71 20.04
N GLY B 85 35.27 -1.65 19.57
CA GLY B 85 35.78 -0.83 18.50
C GLY B 85 36.67 0.34 18.89
N ARG B 86 36.84 0.58 20.19
CA ARG B 86 37.70 1.68 20.66
C ARG B 86 39.13 1.66 20.11
N PRO B 87 39.84 0.52 20.22
CA PRO B 87 41.24 0.54 19.77
C PRO B 87 41.39 0.84 18.27
N ASP B 88 40.44 0.35 17.48
CA ASP B 88 40.52 0.48 16.03
C ASP B 88 40.31 1.93 15.57
N ALA B 89 39.34 2.60 16.19
CA ALA B 89 39.06 4.00 15.87
C ALA B 89 40.25 4.90 16.18
N GLU B 90 40.81 4.76 17.37
CA GLU B 90 41.94 5.60 17.80
C GLU B 90 43.21 5.33 16.99
N TYR B 91 43.49 4.05 16.75
CA TYR B 91 44.67 3.66 15.99
C TYR B 91 44.62 4.14 14.55
N TRP B 92 43.47 3.94 13.90
CA TRP B 92 43.32 4.29 12.50
C TRP B 92 43.23 5.80 12.28
N ASN B 93 42.60 6.51 13.21
CA ASN B 93 42.49 7.97 13.13
C ASN B 93 43.82 8.67 13.32
N SER B 94 44.76 8.01 13.99
CA SER B 94 46.08 8.58 14.23
C SER B 94 46.88 8.61 12.94
N GLN B 95 46.62 7.65 12.07
CA GLN B 95 47.22 7.61 10.74
C GLN B 95 46.53 8.63 9.85
N LYS B 96 47.03 9.86 9.90
CA LYS B 96 46.30 11.02 9.39
C LYS B 96 46.38 11.21 7.88
N ASP B 97 46.96 10.26 7.16
CA ASP B 97 47.04 10.36 5.71
C ASP B 97 46.43 9.14 5.02
N LEU B 98 46.00 8.16 5.81
CA LEU B 98 45.10 7.12 5.32
C LEU B 98 43.67 7.58 5.55
N LEU B 99 43.51 8.53 6.47
CA LEU B 99 42.23 9.17 6.72
C LEU B 99 41.89 10.14 5.60
N GLU B 100 42.91 10.84 5.11
CA GLU B 100 42.78 11.70 3.94
C GLU B 100 42.43 10.86 2.71
N GLN B 101 42.98 9.66 2.68
CA GLN B 101 42.81 8.76 1.53
C GLN B 101 41.37 8.26 1.45
N ARG B 102 40.75 8.06 2.60
CA ARG B 102 39.37 7.57 2.66
C ARG B 102 38.35 8.67 2.43
N ARG B 103 38.74 9.91 2.72
CA ARG B 103 37.85 11.05 2.56
C ARG B 103 37.54 11.30 1.09
N ALA B 104 38.52 11.00 0.23
CA ALA B 104 38.38 11.22 -1.20
C ALA B 104 38.05 9.92 -1.92
N ALA B 105 37.69 8.91 -1.15
CA ALA B 105 37.29 7.62 -1.71
C ALA B 105 35.90 7.75 -2.30
N VAL B 106 35.12 8.69 -1.79
CA VAL B 106 33.82 9.00 -2.36
C VAL B 106 33.95 9.37 -3.84
N ASP B 107 35.12 9.88 -4.21
CA ASP B 107 35.43 10.22 -5.60
C ASP B 107 36.20 9.10 -6.28
N THR B 108 37.24 8.61 -5.60
CA THR B 108 38.15 7.64 -6.18
C THR B 108 37.56 6.23 -6.23
N TYR B 109 36.61 5.95 -5.35
CA TYR B 109 36.05 4.61 -5.23
C TYR B 109 34.56 4.55 -5.56
N CYS B 110 33.75 5.32 -4.82
CA CYS B 110 32.31 5.31 -5.01
C CYS B 110 31.85 5.89 -6.34
N ARG B 111 32.21 7.16 -6.59
CA ARG B 111 31.82 7.83 -7.84
C ARG B 111 32.41 7.14 -9.07
N HIS B 112 33.63 6.64 -8.92
CA HIS B 112 34.30 5.91 -10.00
C HIS B 112 33.51 4.66 -10.36
N ALA B 113 33.14 3.89 -9.35
CA ALA B 113 32.40 2.65 -9.55
C ALA B 113 31.02 2.93 -10.14
N TYR B 114 30.46 4.09 -9.81
CA TYR B 114 29.18 4.50 -10.37
C TYR B 114 29.28 4.66 -11.88
N GLY B 115 30.25 5.44 -12.33
CA GLY B 115 30.42 5.70 -13.75
C GLY B 115 30.64 4.42 -14.54
N VAL B 116 31.44 3.53 -13.99
CA VAL B 116 31.68 2.23 -14.60
C VAL B 116 30.42 1.37 -14.55
N GLY B 117 29.79 1.35 -13.38
CA GLY B 117 28.60 0.55 -13.14
C GLY B 117 27.33 1.04 -13.84
N GLU B 118 27.20 2.35 -13.97
CA GLU B 118 25.93 3.00 -14.36
C GLU B 118 25.30 2.40 -15.62
N SER B 119 26.13 1.88 -16.52
CA SER B 119 25.65 1.37 -17.80
C SER B 119 24.74 0.15 -17.69
N PHE B 120 25.08 -0.77 -16.81
CA PHE B 120 24.34 -2.04 -16.72
C PHE B 120 23.68 -2.25 -15.37
N THR B 121 23.53 -1.18 -14.59
CA THR B 121 22.89 -1.26 -13.29
C THR B 121 21.81 -0.20 -13.17
N VAL B 122 22.24 1.05 -13.03
CA VAL B 122 21.32 2.18 -12.95
C VAL B 122 20.41 2.24 -14.17
N GLN B 123 20.98 1.99 -15.34
CA GLN B 123 20.26 2.13 -16.60
C GLN B 123 19.74 0.80 -17.14
N ARG B 124 19.91 -0.27 -16.37
CA ARG B 124 19.38 -1.58 -16.75
C ARG B 124 17.85 -1.59 -16.76
N ARG B 125 17.28 -1.89 -17.92
CA ARG B 125 15.82 -1.92 -18.06
C ARG B 125 15.35 -3.17 -18.79
N VAL B 126 14.51 -3.96 -18.11
CA VAL B 126 13.94 -5.17 -18.72
C VAL B 126 12.42 -5.13 -18.63
N GLU B 127 11.76 -5.21 -19.77
CA GLU B 127 10.30 -5.10 -19.83
C GLU B 127 9.62 -6.32 -19.19
N PRO B 128 8.61 -6.08 -18.35
CA PRO B 128 7.87 -7.15 -17.68
C PRO B 128 7.01 -7.98 -18.63
N LYS B 129 6.92 -9.27 -18.35
CA LYS B 129 5.99 -10.14 -19.06
C LYS B 129 4.70 -10.27 -18.27
N VAL B 130 3.57 -9.98 -18.92
CA VAL B 130 2.29 -9.96 -18.23
C VAL B 130 1.34 -11.04 -18.73
N THR B 131 0.79 -11.81 -17.79
CA THR B 131 -0.18 -12.85 -18.13
C THR B 131 -1.36 -12.82 -17.17
N VAL B 132 -2.57 -12.85 -17.72
CA VAL B 132 -3.78 -12.86 -16.91
C VAL B 132 -4.56 -14.16 -17.11
N TYR B 133 -4.93 -14.80 -16.01
CA TYR B 133 -5.63 -16.07 -16.06
C TYR B 133 -6.48 -16.29 -14.81
N PRO B 134 -7.59 -17.02 -14.96
CA PRO B 134 -8.48 -17.33 -13.83
C PRO B 134 -7.96 -18.47 -12.96
N SER B 135 -8.32 -18.48 -11.69
CA SER B 135 -7.88 -19.52 -10.77
C SER B 135 -9.02 -19.93 -9.83
N ASN B 144 -12.85 -18.44 -9.57
CA ASN B 144 -13.17 -17.55 -8.46
C ASN B 144 -12.18 -16.41 -8.32
N LEU B 145 -11.05 -16.54 -9.00
CA LEU B 145 -9.97 -15.57 -8.88
C LEU B 145 -9.49 -15.11 -10.27
N LEU B 146 -9.00 -13.88 -10.33
CA LEU B 146 -8.33 -13.40 -11.54
C LEU B 146 -6.93 -12.90 -11.21
N VAL B 147 -5.93 -13.58 -11.78
CA VAL B 147 -4.54 -13.32 -11.42
C VAL B 147 -3.81 -12.58 -12.53
N CYS B 148 -3.20 -11.45 -12.20
CA CYS B 148 -2.32 -10.75 -13.11
C CYS B 148 -0.87 -11.03 -12.75
N SER B 149 -0.18 -11.76 -13.61
CA SER B 149 1.21 -12.12 -13.35
C SER B 149 2.18 -11.18 -14.05
N VAL B 150 3.04 -10.55 -13.27
CA VAL B 150 4.05 -9.64 -13.80
C VAL B 150 5.42 -10.19 -13.44
N SER B 151 6.19 -10.62 -14.44
CA SER B 151 7.44 -11.32 -14.18
C SER B 151 8.60 -10.86 -15.06
N GLY B 152 9.81 -11.10 -14.58
CA GLY B 152 11.01 -10.91 -15.38
C GLY B 152 11.44 -9.47 -15.59
N PHE B 153 10.96 -8.57 -14.73
CA PHE B 153 11.24 -7.15 -14.93
C PHE B 153 12.34 -6.60 -14.01
N TYR B 154 12.89 -5.46 -14.41
CA TYR B 154 13.92 -4.75 -13.65
C TYR B 154 13.93 -3.30 -14.09
N PRO B 155 14.04 -2.35 -13.13
CA PRO B 155 14.20 -2.55 -11.68
C PRO B 155 12.92 -2.96 -10.97
N GLY B 156 12.97 -2.97 -9.63
CA GLY B 156 11.89 -3.50 -8.82
C GLY B 156 10.70 -2.59 -8.62
N SER B 157 10.92 -1.28 -8.74
CA SER B 157 9.84 -0.32 -8.53
C SER B 157 8.76 -0.49 -9.59
N ILE B 158 7.55 -0.81 -9.15
CA ILE B 158 6.46 -1.11 -10.07
C ILE B 158 5.10 -0.89 -9.41
N GLU B 159 4.10 -0.58 -10.24
CA GLU B 159 2.73 -0.41 -9.76
C GLU B 159 1.76 -1.20 -10.65
N VAL B 160 1.05 -2.15 -10.05
CA VAL B 160 0.10 -2.97 -10.79
C VAL B 160 -1.33 -2.75 -10.31
N ARG B 161 -2.20 -2.37 -11.25
CA ARG B 161 -3.60 -2.07 -10.92
C ARG B 161 -4.57 -2.86 -11.78
N TRP B 162 -5.74 -3.14 -11.23
CA TRP B 162 -6.79 -3.90 -11.91
C TRP B 162 -7.88 -2.98 -12.46
N PHE B 163 -8.37 -3.30 -13.67
CA PHE B 163 -9.42 -2.53 -14.31
C PHE B 163 -10.63 -3.41 -14.61
N ARG B 164 -11.81 -2.97 -14.19
CA ARG B 164 -13.04 -3.63 -14.58
C ARG B 164 -13.75 -2.71 -15.57
N ASN B 165 -13.40 -2.85 -16.84
CA ASN B 165 -13.94 -2.03 -17.94
C ASN B 165 -13.95 -0.54 -17.60
N GLY B 166 -12.79 -0.03 -17.20
CA GLY B 166 -12.62 1.39 -16.91
C GLY B 166 -12.99 1.74 -15.49
N GLN B 167 -13.47 0.75 -14.73
CA GLN B 167 -13.73 0.95 -13.31
C GLN B 167 -12.82 0.07 -12.45
N GLU B 168 -12.21 0.66 -11.43
CA GLU B 168 -11.32 -0.10 -10.54
C GLU B 168 -11.86 -0.21 -9.11
N GLU B 169 -11.63 -1.35 -8.48
CA GLU B 169 -11.98 -1.55 -7.08
C GLU B 169 -10.73 -1.68 -6.22
N LYS B 170 -10.73 -1.03 -5.07
CA LYS B 170 -9.65 -1.19 -4.10
C LYS B 170 -10.09 -2.19 -3.02
N ALA B 171 -11.11 -2.97 -3.35
CA ALA B 171 -11.57 -4.03 -2.47
C ALA B 171 -11.32 -5.41 -3.07
N GLY B 172 -11.00 -6.36 -2.21
CA GLY B 172 -10.70 -7.72 -2.63
C GLY B 172 -9.48 -7.84 -3.52
N VAL B 173 -8.55 -6.89 -3.38
CA VAL B 173 -7.30 -6.97 -4.12
C VAL B 173 -6.16 -7.35 -3.19
N VAL B 174 -5.43 -8.39 -3.56
CA VAL B 174 -4.33 -8.88 -2.74
C VAL B 174 -3.08 -9.12 -3.61
N SER B 175 -1.97 -8.53 -3.21
CA SER B 175 -0.73 -8.65 -3.96
C SER B 175 0.33 -9.38 -3.14
N THR B 176 1.16 -10.16 -3.82
CA THR B 176 2.26 -10.86 -3.18
C THR B 176 3.38 -9.89 -2.79
N GLY B 177 3.30 -8.67 -3.30
CA GLY B 177 4.36 -7.70 -3.13
C GLY B 177 5.48 -8.01 -4.10
N LEU B 178 6.61 -7.31 -3.94
CA LEU B 178 7.74 -7.50 -4.84
C LEU B 178 8.59 -8.69 -4.46
N ILE B 179 8.87 -9.56 -5.42
CA ILE B 179 9.71 -10.73 -5.19
C ILE B 179 11.01 -10.64 -6.01
N GLN B 180 12.15 -10.66 -5.32
CA GLN B 180 13.44 -10.61 -6.00
C GLN B 180 13.95 -12.01 -6.30
N ASN B 181 14.12 -12.31 -7.59
CA ASN B 181 14.49 -13.64 -8.03
C ASN B 181 15.98 -13.94 -7.85
N GLY B 182 16.77 -12.89 -7.65
CA GLY B 182 18.20 -13.05 -7.42
C GLY B 182 19.02 -13.07 -8.69
N ASP B 183 18.35 -12.95 -9.84
CA ASP B 183 19.02 -12.96 -11.13
C ASP B 183 18.79 -11.65 -11.87
N TRP B 184 18.73 -10.56 -11.11
CA TRP B 184 18.51 -9.21 -11.63
C TRP B 184 17.16 -9.10 -12.32
N THR B 185 16.21 -9.93 -11.90
CA THR B 185 14.83 -9.85 -12.37
C THR B 185 13.86 -9.91 -11.19
N PHE B 186 12.69 -9.31 -11.36
CA PHE B 186 11.67 -9.32 -10.32
C PHE B 186 10.36 -9.95 -10.81
N GLN B 187 9.50 -10.33 -9.86
CA GLN B 187 8.16 -10.78 -10.21
C GLN B 187 7.18 -10.41 -9.10
N THR B 188 5.90 -10.34 -9.46
CA THR B 188 4.84 -10.06 -8.50
C THR B 188 3.50 -10.57 -9.02
N LEU B 189 2.63 -11.01 -8.11
CA LEU B 189 1.30 -11.49 -8.48
C LEU B 189 0.20 -10.71 -7.77
N VAL B 190 -0.71 -10.14 -8.54
CA VAL B 190 -1.82 -9.37 -8.00
C VAL B 190 -3.16 -10.02 -8.38
N MET B 191 -3.87 -10.54 -7.40
CA MET B 191 -5.10 -11.28 -7.66
C MET B 191 -6.34 -10.45 -7.32
N LEU B 192 -7.42 -10.68 -8.06
CA LEU B 192 -8.67 -9.97 -7.85
C LEU B 192 -9.79 -10.95 -7.51
N GLU B 193 -10.42 -10.75 -6.36
CA GLU B 193 -11.51 -11.61 -5.90
C GLU B 193 -12.81 -11.31 -6.63
N THR B 194 -13.15 -12.16 -7.60
CA THR B 194 -14.41 -12.06 -8.32
C THR B 194 -14.65 -13.31 -9.16
N VAL B 195 -15.90 -13.76 -9.21
CA VAL B 195 -16.28 -14.89 -10.06
C VAL B 195 -16.72 -14.36 -11.43
N PRO B 196 -15.83 -14.49 -12.44
CA PRO B 196 -16.01 -13.85 -13.74
C PRO B 196 -17.27 -14.30 -14.48
N ARG B 197 -18.22 -13.39 -14.63
CA ARG B 197 -19.42 -13.64 -15.41
C ARG B 197 -19.17 -13.31 -16.87
N SER B 198 -20.02 -13.80 -17.77
CA SER B 198 -19.91 -13.46 -19.18
C SER B 198 -20.34 -12.02 -19.42
N GLY B 199 -19.73 -11.36 -20.40
CA GLY B 199 -20.09 -9.99 -20.72
C GLY B 199 -19.16 -8.92 -20.20
N GLU B 200 -18.73 -9.05 -18.95
CA GLU B 200 -17.84 -8.08 -18.33
C GLU B 200 -16.41 -8.18 -18.88
N VAL B 201 -15.68 -7.06 -18.85
CA VAL B 201 -14.31 -7.03 -19.34
C VAL B 201 -13.31 -6.61 -18.27
N TYR B 202 -12.29 -7.43 -18.07
CA TYR B 202 -11.25 -7.17 -17.08
C TYR B 202 -9.96 -6.72 -17.76
N THR B 203 -9.24 -5.81 -17.11
CA THR B 203 -7.99 -5.29 -17.67
C THR B 203 -6.93 -5.12 -16.60
N CYS B 204 -5.77 -5.74 -16.77
CA CYS B 204 -4.66 -5.50 -15.86
C CYS B 204 -3.67 -4.52 -16.49
N GLN B 205 -3.32 -3.48 -15.75
CA GLN B 205 -2.45 -2.43 -16.27
C GLN B 205 -1.22 -2.23 -15.40
N VAL B 206 -0.05 -2.27 -16.03
CA VAL B 206 1.22 -2.20 -15.31
C VAL B 206 2.08 -1.03 -15.79
N GLU B 207 2.60 -0.27 -14.85
CA GLU B 207 3.49 0.85 -15.17
C GLU B 207 4.89 0.60 -14.64
N HIS B 208 5.88 0.81 -15.49
CA HIS B 208 7.28 0.49 -15.17
C HIS B 208 8.23 1.38 -15.95
N PRO B 209 9.39 1.70 -15.37
CA PRO B 209 10.40 2.53 -16.05
C PRO B 209 10.96 1.88 -17.32
N SER B 210 10.75 0.58 -17.49
CA SER B 210 11.28 -0.12 -18.66
C SER B 210 10.40 0.07 -19.89
N VAL B 211 9.26 0.70 -19.72
CA VAL B 211 8.35 0.93 -20.85
C VAL B 211 7.96 2.40 -20.95
N THR B 212 7.59 2.82 -22.15
CA THR B 212 7.26 4.22 -22.41
C THR B 212 5.74 4.42 -22.40
N SER B 213 5.01 3.31 -22.36
CA SER B 213 3.55 3.34 -22.26
C SER B 213 3.06 2.13 -21.49
N PRO B 214 2.04 2.33 -20.63
CA PRO B 214 1.53 1.28 -19.74
C PRO B 214 1.11 0.01 -20.47
N LEU B 215 1.48 -1.14 -19.92
CA LEU B 215 1.14 -2.43 -20.50
C LEU B 215 -0.28 -2.84 -20.13
N THR B 216 -1.09 -3.15 -21.14
CA THR B 216 -2.44 -3.61 -20.90
C THR B 216 -2.65 -5.05 -21.36
N VAL B 217 -3.25 -5.85 -20.48
CA VAL B 217 -3.66 -7.21 -20.83
C VAL B 217 -5.10 -7.42 -20.37
N GLU B 218 -5.97 -7.75 -21.31
CA GLU B 218 -7.40 -7.83 -21.02
C GLU B 218 -7.91 -9.26 -21.02
N TRP B 219 -9.03 -9.48 -20.32
CA TRP B 219 -9.60 -10.80 -20.16
C TRP B 219 -11.12 -10.74 -20.25
N GLU C 5 -14.06 9.79 -13.40
CA GLU C 5 -13.37 10.68 -12.47
C GLU C 5 -14.30 11.17 -11.36
N HIS C 6 -15.52 11.56 -11.71
CA HIS C 6 -16.44 12.11 -10.72
C HIS C 6 -17.84 11.52 -10.86
N VAL C 7 -18.56 11.47 -9.75
CA VAL C 7 -19.93 10.92 -9.71
C VAL C 7 -20.86 11.79 -8.86
N ILE C 8 -21.96 12.22 -9.46
CA ILE C 8 -22.98 12.95 -8.74
C ILE C 8 -24.22 12.07 -8.57
N ILE C 9 -24.60 11.82 -7.32
CA ILE C 9 -25.69 10.90 -7.02
C ILE C 9 -26.84 11.56 -6.27
N GLN C 10 -28.03 11.52 -6.88
CA GLN C 10 -29.25 11.98 -6.21
C GLN C 10 -29.88 10.80 -5.49
N ALA C 11 -29.87 10.86 -4.16
CA ALA C 11 -30.31 9.72 -3.35
C ALA C 11 -31.57 10.01 -2.56
N GLU C 12 -32.61 9.24 -2.84
CA GLU C 12 -33.86 9.32 -2.09
C GLU C 12 -34.18 7.97 -1.45
N PHE C 13 -35.02 7.98 -0.42
CA PHE C 13 -35.52 6.73 0.15
C PHE C 13 -36.81 6.99 0.91
N TYR C 14 -37.60 5.94 1.07
CA TYR C 14 -38.78 5.98 1.94
C TYR C 14 -38.81 4.72 2.79
N LEU C 15 -39.30 4.85 4.02
CA LEU C 15 -39.28 3.72 4.94
C LEU C 15 -40.61 3.55 5.67
N ASN C 16 -41.20 2.37 5.54
CA ASN C 16 -42.39 1.98 6.28
C ASN C 16 -42.04 0.99 7.38
N PRO C 17 -42.79 1.02 8.50
CA PRO C 17 -43.91 1.90 8.79
C PRO C 17 -43.50 3.24 9.41
N ASP C 18 -42.20 3.50 9.46
CA ASP C 18 -41.68 4.70 10.11
C ASP C 18 -42.16 5.99 9.45
N GLN C 19 -42.48 5.92 8.16
CA GLN C 19 -42.82 7.08 7.35
C GLN C 19 -41.72 8.13 7.42
N SER C 20 -40.48 7.71 7.14
CA SER C 20 -39.35 8.62 7.08
C SER C 20 -38.75 8.62 5.67
N GLY C 21 -38.27 9.78 5.24
CA GLY C 21 -37.70 9.92 3.90
C GLY C 21 -36.76 11.10 3.78
N GLU C 22 -35.76 10.97 2.91
CA GLU C 22 -34.78 12.03 2.72
C GLU C 22 -34.46 12.25 1.24
N PHE C 23 -33.84 13.39 0.94
CA PHE C 23 -33.48 13.76 -0.42
C PHE C 23 -32.16 14.52 -0.39
N MET C 24 -31.14 14.00 -1.05
CA MET C 24 -29.84 14.66 -1.06
C MET C 24 -29.03 14.37 -2.33
N PHE C 25 -28.03 15.21 -2.57
CA PHE C 25 -27.10 15.00 -3.68
C PHE C 25 -25.71 14.70 -3.14
N ASP C 26 -25.03 13.73 -3.76
CA ASP C 26 -23.73 13.28 -3.27
C ASP C 26 -22.64 13.48 -4.31
N PHE C 27 -21.55 14.12 -3.90
CA PHE C 27 -20.40 14.30 -4.78
C PHE C 27 -19.16 13.62 -4.23
N ASP C 28 -18.79 12.50 -4.83
CA ASP C 28 -17.60 11.73 -4.45
C ASP C 28 -17.54 11.41 -2.95
N GLY C 29 -18.70 11.14 -2.36
CA GLY C 29 -18.76 10.76 -0.96
C GLY C 29 -19.12 11.89 -0.02
N ASP C 30 -19.14 13.11 -0.54
CA ASP C 30 -19.50 14.27 0.26
C ASP C 30 -20.89 14.79 -0.09
N GLU C 31 -21.65 15.16 0.94
CA GLU C 31 -22.99 15.71 0.76
C GLU C 31 -22.94 17.12 0.17
N ILE C 32 -23.62 17.31 -0.95
CA ILE C 32 -23.75 18.64 -1.54
C ILE C 32 -24.81 19.43 -0.79
N PHE C 33 -26.01 18.85 -0.67
CA PHE C 33 -27.09 19.45 0.09
C PHE C 33 -28.21 18.44 0.33
N HIS C 34 -29.13 18.77 1.21
CA HIS C 34 -30.33 17.96 1.39
C HIS C 34 -31.56 18.85 1.55
N VAL C 35 -32.75 18.25 1.47
CA VAL C 35 -33.99 19.00 1.60
C VAL C 35 -34.69 18.73 2.93
N ASP C 36 -34.91 19.79 3.70
CA ASP C 36 -35.65 19.69 4.95
C ASP C 36 -37.14 19.57 4.61
N MET C 37 -37.69 18.37 4.77
CA MET C 37 -39.05 18.08 4.31
C MET C 37 -40.12 18.86 5.08
N ALA C 38 -39.88 19.09 6.37
CA ALA C 38 -40.88 19.71 7.23
C ALA C 38 -40.98 21.21 6.99
N LYS C 39 -39.83 21.85 6.77
CA LYS C 39 -39.78 23.28 6.54
C LYS C 39 -39.77 23.59 5.04
N LYS C 40 -39.65 22.54 4.24
CA LYS C 40 -39.61 22.65 2.77
C LYS C 40 -38.55 23.65 2.33
N GLU C 41 -37.33 23.45 2.83
CA GLU C 41 -36.21 24.33 2.50
C GLU C 41 -34.97 23.54 2.08
N THR C 42 -34.22 24.10 1.14
CA THR C 42 -32.96 23.51 0.70
C THR C 42 -31.85 23.82 1.71
N VAL C 43 -31.18 22.77 2.18
CA VAL C 43 -30.12 22.93 3.16
C VAL C 43 -28.76 22.51 2.60
N TRP C 44 -27.95 23.50 2.23
CA TRP C 44 -26.62 23.24 1.68
C TRP C 44 -25.65 22.87 2.79
N ARG C 45 -24.79 21.88 2.52
CA ARG C 45 -23.85 21.36 3.52
C ARG C 45 -22.92 22.47 3.99
N LEU C 46 -22.40 23.23 3.04
CA LEU C 46 -21.66 24.44 3.33
C LEU C 46 -22.47 25.62 2.82
N GLU C 47 -22.76 26.59 3.69
CA GLU C 47 -23.66 27.69 3.34
C GLU C 47 -23.15 28.50 2.14
N GLU C 48 -21.84 28.43 1.89
CA GLU C 48 -21.24 29.07 0.72
C GLU C 48 -21.79 28.51 -0.59
N PHE C 49 -22.21 27.25 -0.56
CA PHE C 49 -22.75 26.59 -1.73
C PHE C 49 -24.04 27.26 -2.23
N GLY C 50 -24.78 27.86 -1.31
CA GLY C 50 -26.06 28.44 -1.64
C GLY C 50 -25.96 29.75 -2.39
N ARG C 51 -24.77 30.36 -2.37
CA ARG C 51 -24.51 31.56 -3.15
C ARG C 51 -24.45 31.26 -4.65
N PHE C 52 -23.92 30.08 -5.01
CA PHE C 52 -23.70 29.74 -6.41
C PHE C 52 -24.89 28.98 -7.04
N ALA C 53 -25.76 28.41 -6.21
CA ALA C 53 -26.84 27.58 -6.74
C ALA C 53 -28.08 27.58 -5.86
N SER C 54 -29.20 27.15 -6.43
CA SER C 54 -30.46 27.06 -5.71
C SER C 54 -31.23 25.80 -6.12
N PHE C 55 -32.14 25.35 -5.26
CA PHE C 55 -32.94 24.17 -5.55
C PHE C 55 -34.36 24.29 -5.00
N GLU C 56 -35.34 23.90 -5.82
CA GLU C 56 -36.73 23.88 -5.40
C GLU C 56 -37.00 22.71 -4.44
N ALA C 57 -37.09 23.02 -3.16
CA ALA C 57 -37.26 22.00 -2.13
C ALA C 57 -38.56 21.22 -2.30
N GLN C 58 -39.55 21.86 -2.91
CA GLN C 58 -40.86 21.26 -3.12
C GLN C 58 -40.76 20.01 -3.99
N GLY C 59 -39.86 20.03 -4.97
CA GLY C 59 -39.67 18.93 -5.88
C GLY C 59 -39.32 17.63 -5.19
N ALA C 60 -38.62 17.74 -4.07
CA ALA C 60 -38.22 16.57 -3.28
C ALA C 60 -39.43 15.89 -2.65
N LEU C 61 -40.37 16.69 -2.16
CA LEU C 61 -41.56 16.17 -1.49
C LEU C 61 -42.45 15.40 -2.47
N ALA C 62 -42.53 15.89 -3.70
CA ALA C 62 -43.33 15.22 -4.72
C ALA C 62 -42.67 13.90 -5.10
N ASN C 63 -41.34 13.91 -5.20
CA ASN C 63 -40.56 12.71 -5.46
C ASN C 63 -40.78 11.65 -4.38
N ILE C 64 -40.70 12.08 -3.13
CA ILE C 64 -40.89 11.21 -1.97
C ILE C 64 -42.30 10.60 -1.97
N ALA C 65 -43.26 11.36 -2.49
CA ALA C 65 -44.63 10.88 -2.55
C ALA C 65 -44.77 9.77 -3.59
N VAL C 66 -43.99 9.88 -4.66
CA VAL C 66 -43.94 8.84 -5.68
C VAL C 66 -43.23 7.61 -5.12
N ASP C 67 -42.32 7.84 -4.17
CA ASP C 67 -41.53 6.77 -3.59
C ASP C 67 -42.34 5.92 -2.61
N LYS C 68 -43.14 6.58 -1.78
CA LYS C 68 -44.05 5.87 -0.90
C LYS C 68 -45.03 5.03 -1.72
N ALA C 69 -45.53 5.63 -2.80
CA ALA C 69 -46.47 4.97 -3.69
C ALA C 69 -45.88 3.67 -4.25
N ASN C 70 -44.63 3.75 -4.68
CA ASN C 70 -43.96 2.59 -5.27
C ASN C 70 -43.52 1.60 -4.20
N LEU C 71 -43.34 2.09 -2.97
CA LEU C 71 -42.97 1.22 -1.86
C LEU C 71 -44.13 0.32 -1.46
N GLU C 72 -45.33 0.86 -1.50
CA GLU C 72 -46.53 0.09 -1.17
C GLU C 72 -46.72 -1.05 -2.16
N ILE C 73 -46.47 -0.77 -3.43
CA ILE C 73 -46.59 -1.78 -4.48
C ILE C 73 -45.50 -2.84 -4.36
N MET C 74 -44.26 -2.40 -4.17
CA MET C 74 -43.12 -3.31 -4.04
C MET C 74 -43.24 -4.20 -2.81
N THR C 75 -43.71 -3.62 -1.71
CA THR C 75 -43.95 -4.37 -0.48
C THR C 75 -44.96 -5.48 -0.74
N LYS C 76 -46.04 -5.14 -1.44
CA LYS C 76 -47.11 -6.07 -1.75
C LYS C 76 -46.66 -7.10 -2.78
N ARG C 77 -45.85 -6.66 -3.75
CA ARG C 77 -45.35 -7.53 -4.80
C ARG C 77 -44.38 -8.58 -4.26
N SER C 78 -43.59 -8.17 -3.27
CA SER C 78 -42.60 -9.05 -2.66
C SER C 78 -43.24 -9.95 -1.61
N ASN C 79 -44.57 -9.97 -1.60
CA ASN C 79 -45.35 -10.72 -0.64
C ASN C 79 -44.98 -10.33 0.79
N TYR C 80 -44.84 -9.02 0.99
CA TYR C 80 -44.55 -8.42 2.30
C TYR C 80 -43.28 -8.95 2.94
N THR C 81 -42.21 -9.06 2.15
CA THR C 81 -40.89 -9.41 2.67
C THR C 81 -40.17 -8.19 3.22
N PRO C 82 -39.83 -8.21 4.52
CA PRO C 82 -39.16 -7.08 5.16
C PRO C 82 -37.65 -7.10 4.95
N ILE C 83 -37.01 -5.95 5.16
CA ILE C 83 -35.56 -5.83 4.97
C ILE C 83 -34.77 -6.58 6.04
N THR C 84 -33.64 -7.15 5.64
CA THR C 84 -32.72 -7.77 6.59
C THR C 84 -31.84 -6.71 7.24
N ASN C 85 -31.86 -6.67 8.57
CA ASN C 85 -31.07 -5.70 9.31
C ASN C 85 -29.58 -5.90 9.13
N VAL C 86 -28.86 -4.80 8.94
CA VAL C 86 -27.40 -4.82 8.87
C VAL C 86 -26.80 -3.87 9.90
N PRO C 87 -26.03 -4.43 10.85
CA PRO C 87 -25.47 -3.62 11.94
C PRO C 87 -24.36 -2.68 11.46
N PRO C 88 -24.26 -1.50 12.07
CA PRO C 88 -23.31 -0.46 11.68
C PRO C 88 -21.88 -0.69 12.18
N GLU C 89 -20.91 -0.17 11.45
CA GLU C 89 -19.53 -0.11 11.92
C GLU C 89 -19.23 1.31 12.40
N VAL C 90 -18.63 1.43 13.58
CA VAL C 90 -18.45 2.73 14.21
C VAL C 90 -16.98 3.07 14.45
N THR C 91 -16.59 4.28 14.08
CA THR C 91 -15.23 4.77 14.29
C THR C 91 -15.28 6.19 14.86
N VAL C 92 -14.44 6.46 15.85
CA VAL C 92 -14.36 7.79 16.43
C VAL C 92 -13.03 8.46 16.10
N LEU C 93 -13.10 9.71 15.63
CA LEU C 93 -11.93 10.45 15.19
C LEU C 93 -12.09 11.93 15.51
N THR C 94 -10.99 12.67 15.45
CA THR C 94 -11.02 14.11 15.62
C THR C 94 -10.79 14.80 14.29
N ASN C 95 -11.37 15.99 14.13
CA ASN C 95 -11.24 16.75 12.88
C ASN C 95 -9.79 17.17 12.65
N SER C 96 -9.12 17.54 13.72
CA SER C 96 -7.71 17.88 13.68
C SER C 96 -7.00 17.23 14.87
N PRO C 97 -5.66 17.11 14.82
CA PRO C 97 -4.94 16.57 15.97
C PRO C 97 -5.22 17.37 17.24
N VAL C 98 -5.51 16.67 18.33
CA VAL C 98 -5.92 17.33 19.56
C VAL C 98 -4.74 17.90 20.34
N GLU C 99 -4.88 19.16 20.74
CA GLU C 99 -3.93 19.80 21.64
C GLU C 99 -4.73 20.53 22.72
N LEU C 100 -4.22 20.49 23.94
CA LEU C 100 -4.97 20.89 25.13
C LEU C 100 -5.59 22.28 25.07
N ARG C 101 -6.86 22.35 25.46
CA ARG C 101 -7.60 23.60 25.59
C ARG C 101 -7.74 24.39 24.29
N GLU C 102 -7.44 23.73 23.17
CA GLU C 102 -7.68 24.32 21.85
C GLU C 102 -8.84 23.61 21.17
N PRO C 103 -9.92 24.36 20.86
CA PRO C 103 -11.19 23.85 20.31
C PRO C 103 -11.02 22.83 19.19
N ASN C 104 -11.63 21.66 19.37
CA ASN C 104 -11.61 20.61 18.37
C ASN C 104 -12.99 19.97 18.24
N VAL C 105 -13.12 19.00 17.33
CA VAL C 105 -14.41 18.37 17.08
C VAL C 105 -14.29 16.84 16.98
N LEU C 106 -15.12 16.15 17.75
CA LEU C 106 -15.17 14.69 17.72
C LEU C 106 -16.10 14.21 16.60
N ILE C 107 -15.63 13.25 15.82
CA ILE C 107 -16.41 12.71 14.72
C ILE C 107 -16.80 11.25 14.98
N CYS C 108 -18.10 10.98 14.96
CA CYS C 108 -18.60 9.61 15.09
C CYS C 108 -19.07 9.10 13.74
N PHE C 109 -18.27 8.22 13.14
CA PHE C 109 -18.57 7.74 11.79
C PHE C 109 -19.32 6.41 11.84
N ILE C 110 -20.56 6.44 11.35
CA ILE C 110 -21.41 5.26 11.34
C ILE C 110 -21.51 4.72 9.91
N ASP C 111 -21.17 3.46 9.73
CA ASP C 111 -21.00 2.92 8.39
C ASP C 111 -21.56 1.50 8.23
N LYS C 112 -21.91 1.17 6.99
CA LYS C 112 -22.31 -0.19 6.61
C LYS C 112 -23.58 -0.67 7.31
N PHE C 113 -24.63 0.15 7.33
CA PHE C 113 -25.85 -0.23 8.01
C PHE C 113 -27.13 0.05 7.22
N THR C 114 -28.19 -0.68 7.58
CA THR C 114 -29.52 -0.50 7.03
C THR C 114 -30.51 -1.24 7.93
N PRO C 115 -31.75 -0.75 8.06
CA PRO C 115 -32.37 0.44 7.48
C PRO C 115 -31.81 1.75 8.07
N PRO C 116 -32.10 2.89 7.42
CA PRO C 116 -31.57 4.17 7.92
C PRO C 116 -32.31 4.67 9.16
N VAL C 117 -32.15 3.96 10.27
CA VAL C 117 -32.66 4.41 11.56
C VAL C 117 -31.63 4.11 12.66
N VAL C 118 -31.12 5.16 13.28
CA VAL C 118 -30.12 5.03 14.33
C VAL C 118 -30.24 6.12 15.38
N ASN C 119 -30.22 5.73 16.65
CA ASN C 119 -30.20 6.69 17.75
C ASN C 119 -28.78 6.82 18.31
N VAL C 120 -28.18 7.98 18.12
CA VAL C 120 -26.79 8.19 18.51
C VAL C 120 -26.69 9.17 19.67
N THR C 121 -25.92 8.78 20.70
CA THR C 121 -25.75 9.62 21.88
C THR C 121 -24.28 9.88 22.17
N TRP C 122 -23.96 11.12 22.53
CA TRP C 122 -22.61 11.50 22.93
C TRP C 122 -22.51 11.55 24.45
N LEU C 123 -21.53 10.81 24.99
CA LEU C 123 -21.29 10.81 26.42
C LEU C 123 -19.95 11.46 26.74
N ARG C 124 -19.89 12.25 27.79
CA ARG C 124 -18.63 12.79 28.28
C ARG C 124 -18.55 12.50 29.78
N ASN C 125 -17.52 11.76 30.17
CA ASN C 125 -17.34 11.29 31.54
C ASN C 125 -18.58 10.52 32.00
N GLY C 126 -19.21 9.82 31.06
CA GLY C 126 -20.40 9.02 31.34
C GLY C 126 -21.71 9.75 31.22
N LYS C 127 -21.65 11.08 31.25
CA LYS C 127 -22.86 11.90 31.21
C LYS C 127 -23.21 12.30 29.78
N PRO C 128 -24.46 12.07 29.36
CA PRO C 128 -24.96 12.48 28.05
C PRO C 128 -24.85 13.99 27.81
N VAL C 129 -24.36 14.36 26.64
CA VAL C 129 -24.23 15.76 26.26
C VAL C 129 -24.90 16.03 24.92
N THR C 130 -25.46 17.24 24.77
CA THR C 130 -26.18 17.62 23.56
C THR C 130 -25.71 18.97 23.03
N THR C 131 -24.91 19.66 23.82
CA THR C 131 -24.45 21.01 23.48
C THR C 131 -23.66 21.05 22.18
N GLY C 132 -24.19 21.75 21.20
CA GLY C 132 -23.49 22.00 19.94
C GLY C 132 -23.35 20.81 19.02
N VAL C 133 -24.07 19.73 19.32
CA VAL C 133 -24.01 18.53 18.49
C VAL C 133 -24.68 18.77 17.13
N SER C 134 -24.20 18.05 16.12
CA SER C 134 -24.79 18.12 14.79
C SER C 134 -24.64 16.77 14.09
N GLU C 135 -25.36 16.60 12.99
CA GLU C 135 -25.31 15.34 12.25
C GLU C 135 -25.70 15.53 10.79
N THR C 136 -25.19 14.64 9.94
CA THR C 136 -25.53 14.66 8.52
C THR C 136 -26.76 13.81 8.27
N VAL C 137 -27.29 13.88 7.05
CA VAL C 137 -28.36 12.99 6.65
C VAL C 137 -27.78 11.60 6.38
N PHE C 138 -28.63 10.66 6.00
CA PHE C 138 -28.15 9.31 5.70
C PHE C 138 -27.51 9.27 4.32
N LEU C 139 -26.18 9.12 4.31
CA LEU C 139 -25.41 9.16 3.07
C LEU C 139 -25.49 7.82 2.34
N PRO C 140 -25.49 7.87 1.00
CA PRO C 140 -25.62 6.65 0.19
C PRO C 140 -24.32 5.86 0.08
N ARG C 141 -24.45 4.57 -0.25
CA ARG C 141 -23.32 3.70 -0.52
C ARG C 141 -23.62 2.86 -1.75
N GLU C 142 -22.57 2.33 -2.40
CA GLU C 142 -22.76 1.55 -3.61
C GLU C 142 -23.42 0.20 -3.28
N ASP C 143 -23.18 -0.30 -2.08
CA ASP C 143 -23.81 -1.53 -1.63
C ASP C 143 -25.18 -1.24 -1.03
N HIS C 144 -25.62 0.01 -1.20
CA HIS C 144 -26.96 0.46 -0.82
C HIS C 144 -27.18 0.44 0.69
N LEU C 145 -26.10 0.28 1.43
CA LEU C 145 -26.12 0.53 2.87
C LEU C 145 -26.02 2.04 3.10
N PHE C 146 -25.90 2.45 4.34
CA PHE C 146 -25.88 3.89 4.64
C PHE C 146 -24.67 4.34 5.44
N ARG C 147 -24.36 5.63 5.33
CA ARG C 147 -23.34 6.27 6.16
C ARG C 147 -23.98 7.42 6.91
N LYS C 148 -23.40 7.80 8.05
CA LYS C 148 -23.86 8.96 8.78
C LYS C 148 -22.77 9.50 9.70
N PHE C 149 -22.67 10.82 9.77
CA PHE C 149 -21.66 11.46 10.61
C PHE C 149 -22.30 12.18 11.78
N HIS C 150 -21.70 12.02 12.96
CA HIS C 150 -22.13 12.73 14.14
C HIS C 150 -20.97 13.55 14.68
N TYR C 151 -21.25 14.77 15.12
CA TYR C 151 -20.20 15.69 15.50
C TYR C 151 -20.38 16.22 16.91
N LEU C 152 -19.28 16.36 17.63
CA LEU C 152 -19.30 16.91 18.99
C LEU C 152 -18.14 17.85 19.22
N PRO C 153 -18.41 19.17 19.18
CA PRO C 153 -17.41 20.16 19.55
C PRO C 153 -17.04 20.01 21.02
N PHE C 154 -15.76 20.12 21.35
CA PHE C 154 -15.31 19.87 22.71
C PHE C 154 -13.99 20.56 23.00
N LEU C 155 -13.71 20.74 24.29
CA LEU C 155 -12.47 21.35 24.73
C LEU C 155 -11.52 20.25 25.23
N PRO C 156 -10.50 19.93 24.43
CA PRO C 156 -9.55 18.85 24.70
C PRO C 156 -8.92 18.95 26.08
N SER C 157 -9.03 17.86 26.85
CA SER C 157 -8.48 17.81 28.20
C SER C 157 -7.90 16.44 28.49
N THR C 158 -6.88 16.40 29.35
CA THR C 158 -6.25 15.15 29.73
C THR C 158 -7.09 14.40 30.74
N GLU C 159 -8.07 15.09 31.32
CA GLU C 159 -8.86 14.55 32.42
C GLU C 159 -10.15 13.90 31.94
N ASP C 160 -10.60 14.29 30.75
CA ASP C 160 -11.93 13.92 30.27
C ASP C 160 -11.93 12.71 29.33
N VAL C 161 -13.04 11.98 29.34
CA VAL C 161 -13.22 10.81 28.49
C VAL C 161 -14.59 10.88 27.81
N TYR C 162 -14.63 10.54 26.53
CA TYR C 162 -15.86 10.67 25.76
C TYR C 162 -16.35 9.33 25.24
N ASP C 163 -17.65 9.21 25.03
CA ASP C 163 -18.23 8.00 24.45
C ASP C 163 -19.27 8.32 23.38
N CYS C 164 -19.16 7.64 22.24
CA CYS C 164 -20.19 7.68 21.21
C CYS C 164 -20.90 6.34 21.18
N ARG C 165 -22.18 6.32 21.55
CA ARG C 165 -22.92 5.06 21.57
C ARG C 165 -24.04 5.06 20.54
N VAL C 166 -24.09 4.00 19.74
CA VAL C 166 -25.01 3.90 18.61
C VAL C 166 -25.95 2.72 18.75
N GLU C 167 -27.24 3.00 18.59
CA GLU C 167 -28.27 1.96 18.68
C GLU C 167 -28.85 1.63 17.30
N HIS C 168 -29.00 0.35 17.03
CA HIS C 168 -29.58 -0.11 15.77
C HIS C 168 -30.23 -1.48 15.94
N TRP C 169 -31.31 -1.73 15.21
CA TRP C 169 -32.03 -3.00 15.33
C TRP C 169 -31.18 -4.18 14.91
N GLY C 170 -30.18 -3.93 14.06
CA GLY C 170 -29.30 -4.99 13.60
C GLY C 170 -28.27 -5.32 14.66
N LEU C 171 -28.25 -4.52 15.73
CA LEU C 171 -27.35 -4.76 16.83
C LEU C 171 -28.09 -5.44 17.97
N ASP C 172 -27.50 -6.49 18.53
CA ASP C 172 -28.05 -7.12 19.72
C ASP C 172 -27.89 -6.18 20.90
N GLU C 173 -26.72 -5.57 20.98
CA GLU C 173 -26.43 -4.62 22.04
C GLU C 173 -25.76 -3.37 21.47
N PRO C 174 -26.02 -2.21 22.08
CA PRO C 174 -25.47 -0.92 21.64
C PRO C 174 -23.95 -0.92 21.54
N LEU C 175 -23.42 -0.15 20.59
CA LEU C 175 -21.98 -0.04 20.39
C LEU C 175 -21.45 1.23 21.03
N LEU C 176 -20.56 1.07 22.01
CA LEU C 176 -19.90 2.21 22.63
C LEU C 176 -18.45 2.31 22.22
N LYS C 177 -18.08 3.49 21.74
CA LYS C 177 -16.72 3.72 21.27
C LYS C 177 -16.05 4.81 22.13
N HIS C 178 -14.85 4.53 22.62
CA HIS C 178 -14.23 5.39 23.61
C HIS C 178 -13.12 6.24 22.97
N TRP C 179 -12.95 7.45 23.49
CA TRP C 179 -11.84 8.29 23.07
C TRP C 179 -11.28 9.07 24.25
N GLU C 180 -9.96 9.15 24.31
CA GLU C 180 -9.30 9.90 25.37
C GLU C 180 -8.07 10.60 24.82
N PHE C 181 -7.67 11.70 25.46
CA PHE C 181 -6.48 12.42 25.04
C PHE C 181 -5.22 11.59 25.24
N MET D 1 -28.31 29.37 -11.80
CA MET D 1 -28.20 28.88 -10.43
C MET D 1 -28.93 27.55 -10.25
N LYS D 2 -30.19 27.52 -10.67
CA LYS D 2 -31.08 26.39 -10.45
C LYS D 2 -30.45 25.00 -10.63
N TRP D 3 -30.49 24.21 -9.56
CA TRP D 3 -30.06 22.82 -9.63
C TRP D 3 -31.24 21.99 -10.14
N ARG D 4 -30.96 21.00 -10.98
CA ARG D 4 -32.05 20.21 -11.56
C ARG D 4 -32.22 18.87 -10.88
N MET D 5 -33.45 18.38 -10.85
CA MET D 5 -33.78 17.14 -10.17
C MET D 5 -34.46 16.17 -11.13
N ALA D 6 -34.10 14.90 -11.05
CA ALA D 6 -34.75 13.87 -11.83
C ALA D 6 -35.97 13.34 -11.06
N THR D 7 -37.02 13.00 -11.80
CA THR D 7 -38.27 12.55 -11.20
C THR D 7 -38.44 11.06 -11.39
N PRO D 8 -38.75 10.33 -10.30
CA PRO D 8 -38.92 8.89 -10.44
C PRO D 8 -40.21 8.56 -11.19
N LEU D 9 -40.34 7.32 -11.65
CA LEU D 9 -41.49 6.93 -12.43
C LEU D 9 -42.47 6.15 -11.57
N LEU D 10 -43.75 6.37 -11.80
CA LEU D 10 -44.79 5.66 -11.07
C LEU D 10 -44.86 4.22 -11.55
N MET D 11 -45.05 3.29 -10.63
CA MET D 11 -45.21 1.90 -10.99
C MET D 11 -46.67 1.64 -11.35
N GLN D 12 -46.93 0.56 -12.08
CA GLN D 12 -48.28 0.27 -12.52
C GLN D 12 -49.16 -0.04 -11.31
N ALA D 13 -50.24 0.73 -11.18
CA ALA D 13 -51.15 0.59 -10.05
C ALA D 13 -52.19 -0.49 -10.31
N LEU D 14 -52.14 -1.06 -11.51
CA LEU D 14 -53.07 -2.11 -11.89
C LEU D 14 -52.32 -3.30 -12.48
N PRO D 15 -51.78 -4.16 -11.61
CA PRO D 15 -50.99 -5.33 -12.00
C PRO D 15 -51.77 -6.32 -12.86
N MET D 16 -53.09 -6.29 -12.78
CA MET D 16 -53.93 -7.26 -13.48
C MET D 16 -55.09 -6.57 -14.18
N GLY D 17 -54.85 -5.38 -14.70
CA GLY D 17 -55.90 -4.59 -15.32
C GLY D 17 -56.92 -4.15 -14.30
N GLY D 18 -58.12 -3.79 -14.76
CA GLY D 18 -59.18 -3.39 -13.86
C GLY D 18 -59.79 -4.58 -13.17
N GLY D 19 -59.19 -4.98 -12.05
CA GLY D 19 -59.64 -6.15 -11.32
C GLY D 19 -58.51 -7.12 -11.03
N ASP D 33 -39.83 -1.50 19.57
CA ASP D 33 -40.46 -1.49 18.26
C ASP D 33 -39.94 -2.65 17.41
N THR D 34 -40.71 -3.73 17.35
CA THR D 34 -40.30 -4.93 16.65
C THR D 34 -40.94 -5.09 15.28
N ARG D 35 -41.73 -4.09 14.86
CA ARG D 35 -42.43 -4.14 13.59
C ARG D 35 -41.47 -4.29 12.40
N PRO D 36 -41.86 -5.09 11.40
CA PRO D 36 -41.05 -5.31 10.20
C PRO D 36 -40.96 -4.04 9.34
N ARG D 37 -39.78 -3.80 8.76
CA ARG D 37 -39.60 -2.60 7.95
C ARG D 37 -39.44 -2.91 6.47
N PHE D 38 -39.99 -2.03 5.64
CA PHE D 38 -39.90 -2.17 4.19
C PHE D 38 -39.29 -0.90 3.62
N LEU D 39 -38.17 -1.05 2.93
CA LEU D 39 -37.39 0.11 2.52
C LEU D 39 -37.31 0.24 0.99
N TRP D 40 -37.51 1.45 0.49
CA TRP D 40 -37.41 1.73 -0.93
C TRP D 40 -36.49 2.92 -1.17
N GLN D 41 -35.37 2.66 -1.85
CA GLN D 41 -34.41 3.71 -2.16
C GLN D 41 -34.22 3.87 -3.66
N LEU D 42 -33.99 5.11 -4.08
CA LEU D 42 -33.82 5.44 -5.49
C LEU D 42 -32.61 6.33 -5.71
N LYS D 43 -31.76 5.97 -6.66
CA LYS D 43 -30.53 6.71 -6.90
C LYS D 43 -30.33 7.06 -8.38
N PHE D 44 -30.12 8.35 -8.64
CA PHE D 44 -29.71 8.82 -9.96
C PHE D 44 -28.22 9.13 -9.96
N GLU D 45 -27.43 8.26 -10.58
CA GLU D 45 -25.98 8.43 -10.58
C GLU D 45 -25.49 9.00 -11.91
N CYS D 46 -24.88 10.17 -11.85
CA CYS D 46 -24.27 10.78 -13.02
C CYS D 46 -22.76 10.59 -13.01
N HIS D 47 -22.27 9.73 -13.88
CA HIS D 47 -20.84 9.42 -13.94
C HIS D 47 -20.16 10.23 -15.03
N PHE D 48 -19.16 11.01 -14.65
CA PHE D 48 -18.46 11.87 -15.59
C PHE D 48 -17.04 11.38 -15.86
N PHE D 49 -16.74 11.17 -17.14
CA PHE D 49 -15.42 10.72 -17.56
C PHE D 49 -14.75 11.78 -18.41
N ASN D 50 -13.54 12.20 -18.02
CA ASN D 50 -12.81 13.25 -18.70
C ASN D 50 -13.65 14.51 -18.87
N GLY D 51 -14.07 15.10 -17.75
CA GLY D 51 -14.98 16.22 -17.79
C GLY D 51 -16.37 15.77 -18.20
N THR D 52 -16.89 16.38 -19.26
CA THR D 52 -18.19 16.00 -19.80
C THR D 52 -18.05 15.35 -21.16
N GLU D 53 -16.83 14.87 -21.46
CA GLU D 53 -16.56 14.17 -22.70
C GLU D 53 -17.46 12.94 -22.81
N ARG D 54 -17.44 12.12 -21.76
CA ARG D 54 -18.33 10.96 -21.68
C ARG D 54 -19.17 11.04 -20.41
N VAL D 55 -20.49 11.03 -20.57
CA VAL D 55 -21.38 11.13 -19.43
C VAL D 55 -22.35 9.96 -19.40
N ARG D 56 -22.37 9.23 -18.28
CA ARG D 56 -23.25 8.08 -18.13
C ARG D 56 -24.23 8.28 -16.97
N LEU D 57 -25.49 7.95 -17.21
CA LEU D 57 -26.52 8.07 -16.17
C LEU D 57 -27.06 6.72 -15.75
N LEU D 58 -27.06 6.47 -14.44
CA LEU D 58 -27.66 5.26 -13.90
C LEU D 58 -28.80 5.57 -12.94
N GLU D 59 -30.00 5.13 -13.30
CA GLU D 59 -31.13 5.17 -12.38
C GLU D 59 -31.26 3.81 -11.71
N ARG D 60 -31.13 3.77 -10.40
CA ARG D 60 -31.13 2.50 -9.70
C ARG D 60 -32.28 2.43 -8.71
N CYS D 61 -33.07 1.37 -8.81
CA CYS D 61 -34.21 1.18 -7.94
C CYS D 61 -33.95 0.00 -7.00
N ILE D 62 -34.03 0.25 -5.71
CA ILE D 62 -33.55 -0.70 -4.72
C ILE D 62 -34.61 -0.97 -3.64
N TYR D 63 -34.96 -2.24 -3.48
CA TYR D 63 -35.92 -2.65 -2.46
C TYR D 63 -35.27 -3.58 -1.45
N ASN D 64 -35.25 -3.17 -0.19
CA ASN D 64 -34.60 -3.91 0.88
C ASN D 64 -33.13 -4.20 0.58
N GLN D 65 -32.39 -3.15 0.25
CA GLN D 65 -30.94 -3.20 0.02
C GLN D 65 -30.55 -3.95 -1.26
N GLU D 66 -31.54 -4.47 -1.98
CA GLU D 66 -31.26 -5.21 -3.21
C GLU D 66 -31.88 -4.54 -4.43
N GLU D 67 -31.02 -4.08 -5.33
CA GLU D 67 -31.45 -3.41 -6.56
C GLU D 67 -32.33 -4.33 -7.40
N SER D 68 -33.48 -3.81 -7.85
CA SER D 68 -34.46 -4.62 -8.57
C SER D 68 -34.53 -4.29 -10.06
N VAL D 69 -34.38 -3.02 -10.39
CA VAL D 69 -34.46 -2.59 -11.78
C VAL D 69 -33.63 -1.32 -11.99
N ARG D 70 -33.01 -1.21 -13.16
CA ARG D 70 -32.10 -0.10 -13.43
C ARG D 70 -32.25 0.45 -14.86
N PHE D 71 -32.04 1.75 -15.01
CA PHE D 71 -31.91 2.35 -16.33
C PHE D 71 -30.46 2.74 -16.58
N ASP D 72 -29.90 2.24 -17.67
CA ASP D 72 -28.53 2.55 -18.05
C ASP D 72 -28.50 3.29 -19.37
N SER D 73 -27.87 4.45 -19.39
CA SER D 73 -27.77 5.27 -20.59
C SER D 73 -26.96 4.55 -21.66
N ASP D 74 -26.07 3.67 -21.22
CA ASP D 74 -25.30 2.82 -22.13
C ASP D 74 -26.21 1.82 -22.82
N VAL D 75 -27.26 1.40 -22.11
CA VAL D 75 -28.23 0.44 -22.64
C VAL D 75 -29.37 1.16 -23.35
N GLY D 76 -29.83 2.27 -22.76
CA GLY D 76 -30.86 3.08 -23.36
C GLY D 76 -32.28 2.69 -22.99
N GLU D 77 -32.42 1.70 -22.11
CA GLU D 77 -33.73 1.28 -21.63
C GLU D 77 -33.64 0.61 -20.27
N TYR D 78 -34.79 0.38 -19.64
CA TYR D 78 -34.82 -0.24 -18.32
C TYR D 78 -34.54 -1.73 -18.39
N ARG D 79 -33.78 -2.22 -17.41
CA ARG D 79 -33.47 -3.64 -17.30
C ARG D 79 -33.62 -4.10 -15.86
N ALA D 80 -34.30 -5.22 -15.68
CA ALA D 80 -34.49 -5.79 -14.34
C ALA D 80 -33.20 -6.34 -13.77
N VAL D 81 -32.96 -6.07 -12.48
CA VAL D 81 -31.78 -6.58 -11.80
C VAL D 81 -32.14 -7.85 -11.05
N THR D 82 -33.33 -7.86 -10.46
CA THR D 82 -33.87 -9.07 -9.84
C THR D 82 -35.24 -9.37 -10.44
N GLU D 83 -35.79 -10.53 -10.09
CA GLU D 83 -37.09 -10.95 -10.62
C GLU D 83 -38.21 -9.98 -10.27
N LEU D 84 -38.08 -9.33 -9.12
CA LEU D 84 -39.08 -8.37 -8.66
C LEU D 84 -39.18 -7.11 -9.54
N GLY D 85 -38.09 -6.78 -10.21
CA GLY D 85 -38.04 -5.55 -11.00
C GLY D 85 -38.46 -5.77 -12.44
N ARG D 86 -38.72 -7.02 -12.78
CA ARG D 86 -39.14 -7.41 -14.12
C ARG D 86 -40.41 -6.69 -14.63
N PRO D 87 -41.50 -6.66 -13.82
CA PRO D 87 -42.70 -5.99 -14.33
C PRO D 87 -42.49 -4.50 -14.60
N ASP D 88 -41.65 -3.86 -13.80
CA ASP D 88 -41.40 -2.42 -13.93
C ASP D 88 -40.64 -2.10 -15.20
N ALA D 89 -39.68 -2.96 -15.53
CA ALA D 89 -38.89 -2.80 -16.74
C ALA D 89 -39.79 -2.86 -17.97
N GLU D 90 -40.68 -3.85 -18.01
CA GLU D 90 -41.60 -4.03 -19.13
C GLU D 90 -42.60 -2.89 -19.23
N TYR D 91 -43.15 -2.48 -18.09
CA TYR D 91 -44.15 -1.42 -18.04
C TYR D 91 -43.56 -0.08 -18.47
N TRP D 92 -42.38 0.25 -17.96
CA TRP D 92 -41.76 1.55 -18.23
C TRP D 92 -41.19 1.63 -19.65
N ASN D 93 -40.67 0.52 -20.16
CA ASN D 93 -40.15 0.49 -21.53
C ASN D 93 -41.25 0.62 -22.57
N SER D 94 -42.47 0.25 -22.18
CA SER D 94 -43.62 0.35 -23.09
C SER D 94 -44.03 1.80 -23.26
N GLN D 95 -43.81 2.59 -22.21
CA GLN D 95 -44.05 4.02 -22.23
C GLN D 95 -42.92 4.70 -23.00
N LYS D 96 -43.10 4.80 -24.31
CA LYS D 96 -42.00 5.06 -25.24
C LYS D 96 -41.57 6.53 -25.38
N ASP D 97 -42.15 7.43 -24.59
CA ASP D 97 -41.73 8.83 -24.68
C ASP D 97 -41.31 9.43 -23.34
N LEU D 98 -41.47 8.67 -22.26
CA LEU D 98 -40.77 9.00 -21.01
C LEU D 98 -39.44 8.26 -21.04
N LEU D 99 -39.36 7.29 -21.94
CA LEU D 99 -38.12 6.59 -22.21
C LEU D 99 -37.22 7.56 -22.95
N GLU D 100 -37.83 8.39 -23.79
CA GLU D 100 -37.13 9.49 -24.46
C GLU D 100 -36.56 10.47 -23.45
N GLN D 101 -37.29 10.69 -22.36
CA GLN D 101 -36.91 11.68 -21.37
C GLN D 101 -35.65 11.28 -20.61
N ARG D 102 -35.48 9.98 -20.41
CA ARG D 102 -34.33 9.49 -19.67
C ARG D 102 -33.08 9.40 -20.56
N ARG D 103 -33.30 9.22 -21.86
CA ARG D 103 -32.20 9.16 -22.80
C ARG D 103 -31.50 10.50 -22.92
N ALA D 104 -32.26 11.57 -22.76
CA ALA D 104 -31.70 12.91 -22.89
C ALA D 104 -31.46 13.52 -21.52
N ALA D 105 -31.56 12.68 -20.49
CA ALA D 105 -31.30 13.11 -19.13
C ALA D 105 -29.80 13.25 -18.89
N VAL D 106 -29.02 12.47 -19.63
CA VAL D 106 -27.56 12.59 -19.58
C VAL D 106 -27.11 14.00 -19.96
N ASP D 107 -27.92 14.68 -20.76
CA ASP D 107 -27.64 16.05 -21.18
C ASP D 107 -28.41 17.06 -20.33
N THR D 108 -29.72 16.83 -20.18
CA THR D 108 -30.59 17.78 -19.51
C THR D 108 -30.45 17.75 -17.99
N TYR D 109 -29.96 16.65 -17.45
CA TYR D 109 -29.90 16.47 -16.00
C TYR D 109 -28.45 16.35 -15.53
N CYS D 110 -27.73 15.37 -16.05
CA CYS D 110 -26.35 15.12 -15.64
C CYS D 110 -25.40 16.25 -16.04
N ARG D 111 -25.33 16.55 -17.34
CA ARG D 111 -24.44 17.60 -17.83
C ARG D 111 -24.77 18.98 -17.26
N HIS D 112 -26.07 19.25 -17.08
CA HIS D 112 -26.51 20.52 -16.51
C HIS D 112 -25.98 20.70 -15.09
N ALA D 113 -26.16 19.67 -14.27
CA ALA D 113 -25.75 19.72 -12.87
C ALA D 113 -24.24 19.86 -12.73
N TYR D 114 -23.50 19.31 -13.69
CA TYR D 114 -22.05 19.44 -13.70
C TYR D 114 -21.63 20.90 -13.86
N GLY D 115 -22.19 21.57 -14.87
CA GLY D 115 -21.86 22.94 -15.16
C GLY D 115 -22.16 23.87 -13.99
N VAL D 116 -23.30 23.66 -13.35
CA VAL D 116 -23.69 24.44 -12.19
C VAL D 116 -22.78 24.17 -10.99
N GLY D 117 -22.56 22.88 -10.71
CA GLY D 117 -21.76 22.45 -9.58
C GLY D 117 -20.26 22.67 -9.63
N GLU D 118 -19.69 22.54 -10.82
CA GLU D 118 -18.24 22.41 -11.01
C GLU D 118 -17.40 23.47 -10.31
N SER D 119 -17.98 24.66 -10.12
CA SER D 119 -17.24 25.79 -9.57
C SER D 119 -16.79 25.54 -8.13
N PHE D 120 -17.65 24.90 -7.34
CA PHE D 120 -17.39 24.72 -5.92
C PHE D 120 -17.31 23.24 -5.51
N THR D 121 -17.10 22.36 -6.49
CA THR D 121 -16.98 20.93 -6.21
C THR D 121 -15.75 20.34 -6.88
N VAL D 122 -15.82 20.18 -8.20
CA VAL D 122 -14.71 19.66 -8.99
C VAL D 122 -13.44 20.47 -8.80
N GLN D 123 -13.58 21.79 -8.76
CA GLN D 123 -12.42 22.67 -8.69
C GLN D 123 -12.17 23.16 -7.26
N ARG D 124 -12.95 22.66 -6.31
CA ARG D 124 -12.72 22.97 -4.91
C ARG D 124 -11.40 22.36 -4.47
N ARG D 125 -10.47 23.20 -4.03
CA ARG D 125 -9.16 22.72 -3.60
C ARG D 125 -8.74 23.41 -2.31
N VAL D 126 -8.48 22.61 -1.28
CA VAL D 126 -8.10 23.14 0.03
C VAL D 126 -6.75 22.56 0.49
N GLU D 127 -5.82 23.44 0.81
CA GLU D 127 -4.47 23.05 1.18
C GLU D 127 -4.43 22.31 2.51
N PRO D 128 -3.71 21.17 2.55
CA PRO D 128 -3.56 20.34 3.76
C PRO D 128 -2.73 20.99 4.85
N LYS D 129 -3.12 20.75 6.10
CA LYS D 129 -2.31 21.15 7.24
C LYS D 129 -1.48 19.94 7.70
N VAL D 130 -0.17 20.13 7.81
CA VAL D 130 0.73 19.03 8.14
C VAL D 130 1.38 19.21 9.51
N THR D 131 1.29 18.16 10.33
CA THR D 131 1.87 18.18 11.66
C THR D 131 2.64 16.90 11.95
N VAL D 132 3.87 17.05 12.45
CA VAL D 132 4.69 15.90 12.81
C VAL D 132 4.98 15.88 14.31
N TYR D 133 4.73 14.73 14.94
CA TYR D 133 4.91 14.58 16.38
C TYR D 133 5.19 13.13 16.76
N PRO D 134 5.96 12.92 17.84
CA PRO D 134 6.24 11.56 18.30
C PRO D 134 5.08 10.96 19.08
N SER D 135 4.98 9.62 19.04
CA SER D 135 3.91 8.93 19.75
C SER D 135 4.43 7.65 20.40
N ASN D 144 7.93 5.21 20.43
CA ASN D 144 8.15 4.15 19.45
C ASN D 144 7.69 4.55 18.05
N LEU D 145 6.93 5.64 17.97
CA LEU D 145 6.33 6.06 16.71
C LEU D 145 6.60 7.54 16.39
N LEU D 146 6.65 7.83 15.09
CA LEU D 146 6.70 9.20 14.61
C LEU D 146 5.54 9.42 13.64
N VAL D 147 4.61 10.30 14.01
CA VAL D 147 3.37 10.45 13.26
C VAL D 147 3.30 11.74 12.46
N CYS D 148 3.05 11.62 11.16
CA CYS D 148 2.79 12.76 10.31
C CYS D 148 1.29 12.87 10.04
N SER D 149 0.67 13.92 10.59
CA SER D 149 -0.76 14.11 10.43
C SER D 149 -1.07 15.12 9.33
N VAL D 150 -1.84 14.68 8.34
CA VAL D 150 -2.24 15.53 7.23
C VAL D 150 -3.76 15.68 7.23
N SER D 151 -4.25 16.89 7.51
CA SER D 151 -5.68 17.07 7.73
C SER D 151 -6.25 18.30 7.03
N GLY D 152 -7.56 18.29 6.83
CA GLY D 152 -8.29 19.45 6.35
C GLY D 152 -8.16 19.75 4.87
N PHE D 153 -7.75 18.75 4.09
CA PHE D 153 -7.51 18.98 2.67
C PHE D 153 -8.62 18.47 1.76
N TYR D 154 -8.67 19.00 0.55
CA TYR D 154 -9.62 18.58 -0.47
C TYR D 154 -9.05 18.97 -1.83
N PRO D 155 -9.15 18.06 -2.83
CA PRO D 155 -9.77 16.73 -2.79
C PRO D 155 -8.92 15.68 -2.08
N GLY D 156 -9.34 14.42 -2.18
CA GLY D 156 -8.76 13.34 -1.42
C GLY D 156 -7.44 12.78 -1.92
N SER D 157 -7.16 12.94 -3.21
CA SER D 157 -5.93 12.39 -3.79
C SER D 157 -4.71 13.05 -3.17
N ILE D 158 -3.86 12.23 -2.54
CA ILE D 158 -2.71 12.74 -1.80
C ILE D 158 -1.63 11.67 -1.67
N GLU D 159 -0.38 12.11 -1.52
CA GLU D 159 0.74 11.19 -1.32
C GLU D 159 1.60 11.63 -0.14
N VAL D 160 1.69 10.77 0.87
CA VAL D 160 2.49 11.06 2.05
C VAL D 160 3.64 10.06 2.17
N ARG D 161 4.86 10.56 2.24
CA ARG D 161 6.03 9.71 2.28
C ARG D 161 6.89 10.00 3.50
N TRP D 162 7.52 8.96 4.06
CA TRP D 162 8.42 9.14 5.18
C TRP D 162 9.87 9.02 4.72
N PHE D 163 10.71 9.93 5.20
CA PHE D 163 12.14 9.89 4.89
C PHE D 163 12.95 9.90 6.18
N ARG D 164 13.91 8.99 6.28
CA ARG D 164 14.82 8.97 7.42
C ARG D 164 16.20 9.50 7.08
N ASN D 165 16.37 10.82 7.22
CA ASN D 165 17.63 11.49 6.89
C ASN D 165 18.17 11.15 5.50
N GLY D 166 17.34 11.40 4.49
CA GLY D 166 17.74 11.25 3.11
C GLY D 166 17.57 9.89 2.47
N GLN D 167 17.16 8.90 3.25
CA GLN D 167 16.80 7.60 2.69
C GLN D 167 15.32 7.35 2.93
N GLU D 168 14.63 6.87 1.89
CA GLU D 168 13.19 6.67 1.99
C GLU D 168 12.83 5.48 2.88
N GLU D 169 11.76 5.66 3.63
CA GLU D 169 11.23 4.59 4.48
C GLU D 169 9.90 4.10 3.93
N LYS D 170 9.74 2.79 3.85
CA LYS D 170 8.46 2.20 3.50
C LYS D 170 8.35 0.80 4.11
N ALA D 171 9.19 0.55 5.11
CA ALA D 171 9.09 -0.66 5.91
C ALA D 171 8.68 -0.24 7.32
N GLY D 172 7.82 -1.04 7.95
CA GLY D 172 7.33 -0.71 9.28
C GLY D 172 6.54 0.59 9.28
N VAL D 173 5.98 0.93 8.13
CA VAL D 173 5.15 2.12 7.98
C VAL D 173 3.68 1.75 7.86
N VAL D 174 2.84 2.41 8.65
CA VAL D 174 1.41 2.13 8.65
C VAL D 174 0.59 3.40 8.51
N SER D 175 -0.30 3.40 7.53
CA SER D 175 -1.14 4.56 7.24
C SER D 175 -2.61 4.24 7.47
N THR D 176 -3.37 5.22 7.91
CA THR D 176 -4.81 5.07 8.11
C THR D 176 -5.55 5.00 6.78
N GLY D 177 -4.85 5.33 5.70
CA GLY D 177 -5.47 5.45 4.40
C GLY D 177 -6.19 6.79 4.33
N LEU D 178 -6.99 6.99 3.29
CA LEU D 178 -7.68 8.25 3.13
C LEU D 178 -8.95 8.26 3.99
N ILE D 179 -9.11 9.30 4.79
CA ILE D 179 -10.27 9.43 5.66
C ILE D 179 -11.13 10.63 5.25
N GLN D 180 -12.39 10.38 4.93
CA GLN D 180 -13.33 11.43 4.59
C GLN D 180 -14.08 11.89 5.83
N ASN D 181 -13.91 13.16 6.19
CA ASN D 181 -14.47 13.69 7.42
C ASN D 181 -15.96 14.00 7.32
N GLY D 182 -16.46 14.06 6.09
CA GLY D 182 -17.88 14.31 5.87
C GLY D 182 -18.22 15.78 5.76
N ASP D 183 -17.22 16.63 5.91
CA ASP D 183 -17.41 18.07 5.83
C ASP D 183 -16.60 18.66 4.68
N TRP D 184 -16.50 17.89 3.60
CA TRP D 184 -15.76 18.28 2.39
C TRP D 184 -14.28 18.49 2.68
N THR D 185 -13.78 17.79 3.70
CA THR D 185 -12.36 17.77 4.01
C THR D 185 -11.89 16.34 4.22
N PHE D 186 -10.61 16.11 3.98
CA PHE D 186 -10.03 14.78 4.19
C PHE D 186 -8.90 14.84 5.20
N GLN D 187 -8.56 13.69 5.77
CA GLN D 187 -7.40 13.59 6.63
C GLN D 187 -6.75 12.22 6.52
N THR D 188 -5.48 12.13 6.91
CA THR D 188 -4.77 10.86 6.91
C THR D 188 -3.60 10.91 7.88
N LEU D 189 -3.31 9.76 8.50
CA LEU D 189 -2.18 9.66 9.42
C LEU D 189 -1.23 8.56 8.96
N VAL D 190 0.03 8.92 8.78
CA VAL D 190 1.04 7.95 8.35
C VAL D 190 2.10 7.82 9.43
N MET D 191 2.15 6.65 10.05
CA MET D 191 3.04 6.43 11.19
C MET D 191 4.27 5.60 10.83
N LEU D 192 5.39 5.92 11.47
CA LEU D 192 6.65 5.22 11.25
C LEU D 192 7.17 4.61 12.54
N GLU D 193 7.36 3.30 12.56
CA GLU D 193 7.88 2.64 13.76
C GLU D 193 9.38 2.82 13.91
N THR D 194 9.76 3.73 14.79
CA THR D 194 11.15 3.96 15.16
C THR D 194 11.20 4.86 16.39
N VAL D 195 12.09 4.55 17.32
CA VAL D 195 12.32 5.41 18.47
C VAL D 195 13.41 6.41 18.10
N PRO D 196 13.01 7.66 17.83
CA PRO D 196 13.90 8.66 17.23
C PRO D 196 15.14 8.92 18.06
N ARG D 197 16.30 8.56 17.51
CA ARG D 197 17.58 8.80 18.17
C ARG D 197 18.10 10.19 17.83
N SER D 198 19.03 10.67 18.64
CA SER D 198 19.69 11.94 18.40
C SER D 198 20.62 11.86 17.20
N GLY D 199 20.75 12.97 16.49
CA GLY D 199 21.62 13.05 15.33
C GLY D 199 20.83 12.90 14.04
N GLU D 200 19.93 11.92 14.01
CA GLU D 200 19.11 11.69 12.83
C GLU D 200 18.03 12.76 12.67
N VAL D 201 17.66 13.02 11.42
CA VAL D 201 16.59 13.96 11.11
C VAL D 201 15.52 13.24 10.29
N TYR D 202 14.28 13.34 10.72
CA TYR D 202 13.18 12.67 10.03
C TYR D 202 12.41 13.68 9.19
N THR D 203 11.90 13.24 8.04
CA THR D 203 11.21 14.14 7.13
C THR D 203 9.93 13.54 6.56
N CYS D 204 8.83 14.23 6.77
CA CYS D 204 7.54 13.86 6.19
C CYS D 204 7.25 14.71 4.96
N GLN D 205 6.86 14.06 3.86
CA GLN D 205 6.64 14.78 2.60
C GLN D 205 5.23 14.55 2.07
N VAL D 206 4.54 15.65 1.78
CA VAL D 206 3.14 15.58 1.36
C VAL D 206 2.95 16.25 0.00
N GLU D 207 2.28 15.55 -0.92
CA GLU D 207 1.99 16.09 -2.24
C GLU D 207 0.49 16.22 -2.47
N HIS D 208 0.06 17.37 -2.97
CA HIS D 208 -1.36 17.65 -3.13
C HIS D 208 -1.59 18.64 -4.28
N PRO D 209 -2.71 18.51 -5.00
CA PRO D 209 -3.03 19.41 -6.10
C PRO D 209 -3.22 20.87 -5.68
N SER D 210 -3.38 21.10 -4.38
CA SER D 210 -3.59 22.46 -3.86
C SER D 210 -2.27 23.22 -3.70
N VAL D 211 -1.16 22.54 -3.91
CA VAL D 211 0.16 23.16 -3.77
C VAL D 211 1.00 22.93 -5.02
N THR D 212 1.96 23.81 -5.26
CA THR D 212 2.78 23.75 -6.46
C THR D 212 4.12 23.07 -6.19
N SER D 213 4.39 22.84 -4.91
CA SER D 213 5.59 22.11 -4.50
C SER D 213 5.26 21.34 -3.21
N PRO D 214 5.78 20.11 -3.11
CA PRO D 214 5.45 19.21 -1.99
C PRO D 214 5.71 19.86 -0.62
N LEU D 215 4.75 19.70 0.29
CA LEU D 215 4.90 20.24 1.63
C LEU D 215 5.74 19.29 2.48
N THR D 216 6.84 19.81 3.03
CA THR D 216 7.68 19.02 3.92
C THR D 216 7.71 19.60 5.33
N VAL D 217 7.56 18.72 6.32
CA VAL D 217 7.74 19.09 7.71
C VAL D 217 8.65 18.07 8.37
N GLU D 218 9.80 18.52 8.87
CA GLU D 218 10.80 17.60 9.40
C GLU D 218 10.91 17.70 10.91
N TRP D 219 11.43 16.65 11.52
CA TRP D 219 11.50 16.54 12.97
C TRP D 219 12.81 15.92 13.44
#